data_3PZR
#
_entry.id   3PZR
#
_cell.length_a   155.019
_cell.length_b   155.019
_cell.length_c   69.178
_cell.angle_alpha   90.00
_cell.angle_beta   90.00
_cell.angle_gamma   90.00
#
_symmetry.space_group_name_H-M   'P 4 21 2'
#
loop_
_entity.id
_entity.type
_entity.pdbx_description
1 polymer 'Aspartate-semialdehyde dehydrogenase'
2 non-polymer CYSTEINE
3 non-polymer 'NADP NICOTINAMIDE-ADENINE-DINUCLEOTIDE PHOSPHATE'
4 non-polymer 'SODIUM ION'
5 water water
#
_entity_poly.entity_id   1
_entity_poly.type   'polypeptide(L)'
_entity_poly.pdbx_seq_one_letter_code
;MRVGLVGWRGMVGSVLMQRMVEERDFDLIEPVFFSTSQIGVPAPNFGKDAGMLHDAFDIESLKQLDAVITCQGGSYTEKV
YPALRQAGWKGYWIDAASTLRMDKEAIITLDPVNLKQILHGIHHGTKTFVGGNCTVSLMLMALGGLYERGLVEWMSAMTY
QAASGAGAQNMRELISQMGVINDAVSSELANPASSILDIDKKVAETMRSGSFPTDNFGVPLAGSLIPWIDVKRDNGQSKE
EWKAGVEANKILGLQDSPVPIDGTCVRIGAMRCHSQALTIKLKQNIPLDEIEEMIATHNDWVKVIPNERDITARELTPAK
VTGTLSVPVGRLRKMAMGDDFLNAFTVGDQLLWGAAEPLRRTLRIILAEK
;
_entity_poly.pdbx_strand_id   A,B
#
loop_
_chem_comp.id
_chem_comp.type
_chem_comp.name
_chem_comp.formula
NA non-polymer 'SODIUM ION' 'Na 1'
NAP non-polymer 'NADP NICOTINAMIDE-ADENINE-DINUCLEOTIDE PHOSPHATE' 'C21 H28 N7 O17 P3'
#
# COMPACT_ATOMS: atom_id res chain seq x y z
N MET A 1 -14.99 -23.45 8.93
CA MET A 1 -15.74 -23.46 7.63
C MET A 1 -14.79 -23.58 6.44
N ARG A 2 -15.04 -24.59 5.61
CA ARG A 2 -14.25 -24.85 4.42
C ARG A 2 -14.82 -24.04 3.26
N VAL A 3 -14.02 -23.10 2.74
CA VAL A 3 -14.49 -22.14 1.75
C VAL A 3 -13.70 -22.24 0.44
N GLY A 4 -14.42 -22.48 -0.65
CA GLY A 4 -13.81 -22.51 -1.98
C GLY A 4 -13.68 -21.13 -2.58
N LEU A 5 -12.53 -20.84 -3.15
CA LEU A 5 -12.32 -19.59 -3.89
C LEU A 5 -12.17 -19.89 -5.37
N VAL A 6 -13.10 -19.37 -6.16
CA VAL A 6 -13.08 -19.54 -7.62
C VAL A 6 -12.93 -18.17 -8.27
N GLY A 7 -12.09 -18.08 -9.29
CA GLY A 7 -11.84 -16.84 -9.99
C GLY A 7 -11.00 -15.85 -9.20
N TRP A 8 -10.18 -16.39 -8.31
CA TRP A 8 -9.33 -15.60 -7.41
C TRP A 8 -8.18 -14.91 -8.16
N ARG A 9 -7.82 -15.45 -9.33
CA ARG A 9 -6.65 -14.99 -10.06
C ARG A 9 -6.96 -13.81 -10.97
N GLY A 10 -8.23 -13.66 -11.34
CA GLY A 10 -8.66 -12.60 -12.26
C GLY A 10 -8.69 -11.23 -11.61
N MET A 11 -9.24 -10.24 -12.31
CA MET A 11 -9.20 -8.86 -11.82
C MET A 11 -9.98 -8.67 -10.53
N VAL A 12 -11.27 -9.02 -10.55
CA VAL A 12 -12.12 -8.89 -9.36
C VAL A 12 -11.59 -9.78 -8.24
N GLY A 13 -11.26 -11.03 -8.58
CA GLY A 13 -10.69 -11.97 -7.63
C GLY A 13 -9.41 -11.47 -6.96
N SER A 14 -8.54 -10.82 -7.74
CA SER A 14 -7.28 -10.31 -7.22
C SER A 14 -7.49 -9.18 -6.23
N VAL A 15 -8.49 -8.33 -6.51
CA VAL A 15 -8.88 -7.28 -5.57
C VAL A 15 -9.41 -7.93 -4.30
N LEU A 16 -10.25 -8.95 -4.46
CA LEU A 16 -10.77 -9.70 -3.31
C LEU A 16 -9.65 -10.29 -2.47
N MET A 17 -8.69 -10.96 -3.12
CA MET A 17 -7.56 -11.56 -2.41
C MET A 17 -6.77 -10.53 -1.62
N GLN A 18 -6.50 -9.38 -2.24
CA GLN A 18 -5.80 -8.28 -1.58
C GLN A 18 -6.52 -7.81 -0.32
N ARG A 19 -7.84 -7.65 -0.42
CA ARG A 19 -8.66 -7.22 0.71
C ARG A 19 -8.73 -8.28 1.80
N MET A 20 -8.82 -9.54 1.40
CA MET A 20 -8.83 -10.65 2.35
C MET A 20 -7.50 -10.76 3.09
N VAL A 21 -6.39 -10.46 2.41
CA VAL A 21 -5.07 -10.42 3.05
C VAL A 21 -5.00 -9.25 4.03
N GLU A 22 -5.44 -8.07 3.59
CA GLU A 22 -5.46 -6.85 4.42
C GLU A 22 -6.25 -7.02 5.71
N GLU A 23 -7.41 -7.67 5.61
CA GLU A 23 -8.33 -7.82 6.75
C GLU A 23 -8.13 -9.13 7.50
N ARG A 24 -7.16 -9.93 7.03
CA ARG A 24 -6.83 -11.24 7.61
C ARG A 24 -8.02 -12.20 7.66
N ASP A 25 -8.80 -12.20 6.58
CA ASP A 25 -9.98 -13.05 6.46
C ASP A 25 -9.65 -14.54 6.45
N PHE A 26 -8.45 -14.87 5.98
CA PHE A 26 -8.05 -16.28 5.86
C PHE A 26 -7.82 -16.96 7.21
N ASP A 27 -7.62 -16.17 8.26
CA ASP A 27 -7.54 -16.68 9.63
C ASP A 27 -8.85 -17.33 10.06
N LEU A 28 -9.94 -16.92 9.42
CA LEU A 28 -11.29 -17.31 9.84
C LEU A 28 -11.82 -18.53 9.12
N ILE A 29 -11.14 -18.95 8.05
CA ILE A 29 -11.64 -20.00 7.17
C ILE A 29 -10.57 -21.03 6.81
N GLU A 30 -11.02 -22.17 6.32
CA GLU A 30 -10.14 -23.14 5.67
C GLU A 30 -10.29 -22.92 4.17
N PRO A 31 -9.34 -22.19 3.55
CA PRO A 31 -9.52 -21.86 2.14
C PRO A 31 -9.16 -23.01 1.21
N VAL A 32 -9.96 -23.20 0.16
CA VAL A 32 -9.67 -24.18 -0.87
C VAL A 32 -9.73 -23.46 -2.21
N PHE A 33 -8.61 -23.44 -2.93
CA PHE A 33 -8.50 -22.67 -4.17
C PHE A 33 -8.76 -23.52 -5.41
N PHE A 34 -9.49 -22.95 -6.35
CA PHE A 34 -9.88 -23.63 -7.57
C PHE A 34 -9.29 -22.97 -8.81
N SER A 35 -9.25 -23.73 -9.90
CA SER A 35 -8.64 -23.26 -11.15
C SER A 35 -9.30 -23.92 -12.36
N THR A 36 -9.13 -23.27 -13.52
CA THR A 36 -9.53 -23.85 -14.80
C THR A 36 -8.32 -24.14 -15.68
N SER A 37 -7.19 -23.48 -15.37
CA SER A 37 -6.01 -23.54 -16.24
C SER A 37 -4.76 -24.08 -15.56
N GLN A 38 -4.77 -24.17 -14.22
CA GLN A 38 -3.61 -24.65 -13.47
C GLN A 38 -3.99 -25.72 -12.45
N ILE A 39 -4.96 -26.57 -12.80
CA ILE A 39 -5.43 -27.60 -11.87
C ILE A 39 -4.28 -28.51 -11.44
N GLY A 40 -4.14 -28.72 -10.15
CA GLY A 40 -3.19 -29.69 -9.62
C GLY A 40 -1.83 -29.19 -9.19
N VAL A 41 -1.59 -27.88 -9.37
CA VAL A 41 -0.34 -27.28 -8.89
C VAL A 41 -0.61 -26.54 -7.57
N PRO A 42 0.46 -26.23 -6.79
CA PRO A 42 0.24 -25.58 -5.49
C PRO A 42 -0.64 -24.33 -5.57
N ALA A 43 -1.59 -24.25 -4.64
CA ALA A 43 -2.48 -23.10 -4.51
C ALA A 43 -1.69 -21.88 -4.02
N PRO A 44 -2.20 -20.66 -4.28
CA PRO A 44 -1.51 -19.47 -3.80
C PRO A 44 -1.46 -19.43 -2.27
N ASN A 45 -0.39 -18.86 -1.74
CA ASN A 45 -0.25 -18.71 -0.29
C ASN A 45 -0.55 -17.28 0.12
N PHE A 46 -1.76 -17.06 0.63
CA PHE A 46 -2.17 -15.75 1.13
C PHE A 46 -2.13 -15.73 2.65
N GLY A 47 -1.11 -16.37 3.21
CA GLY A 47 -0.92 -16.48 4.65
C GLY A 47 -1.12 -17.89 5.16
N LYS A 48 -1.90 -18.68 4.43
CA LYS A 48 -2.24 -20.05 4.83
C LYS A 48 -1.91 -21.01 3.68
N ASP A 49 -1.39 -22.20 4.02
CA ASP A 49 -1.12 -23.23 3.03
C ASP A 49 -2.41 -23.99 2.72
N ALA A 50 -2.90 -23.83 1.49
CA ALA A 50 -4.18 -24.41 1.08
C ALA A 50 -4.03 -25.65 0.20
N GLY A 51 -2.81 -26.16 0.08
CA GLY A 51 -2.55 -27.36 -0.72
C GLY A 51 -2.52 -27.08 -2.21
N MET A 52 -3.28 -27.87 -2.97
CA MET A 52 -3.25 -27.82 -4.43
C MET A 52 -4.47 -27.11 -5.01
N LEU A 53 -4.31 -26.57 -6.23
CA LEU A 53 -5.44 -26.00 -6.96
C LEU A 53 -6.37 -27.12 -7.42
N HIS A 54 -7.65 -26.97 -7.06
CA HIS A 54 -8.66 -27.96 -7.42
C HIS A 54 -9.37 -27.56 -8.71
N ASP A 55 -10.07 -28.53 -9.31
CA ASP A 55 -10.79 -28.34 -10.55
C ASP A 55 -12.09 -27.57 -10.30
N ALA A 56 -12.16 -26.36 -10.86
CA ALA A 56 -13.33 -25.48 -10.70
C ALA A 56 -14.63 -26.10 -11.23
N PHE A 57 -14.50 -27.02 -12.19
CA PHE A 57 -15.67 -27.68 -12.78
C PHE A 57 -15.99 -29.04 -12.17
N ASP A 58 -15.14 -29.51 -11.25
CA ASP A 58 -15.36 -30.79 -10.58
C ASP A 58 -16.41 -30.63 -9.48
N ILE A 59 -17.63 -31.06 -9.78
CA ILE A 59 -18.75 -30.97 -8.83
C ILE A 59 -18.48 -31.75 -7.55
N GLU A 60 -17.77 -32.88 -7.67
CA GLU A 60 -17.42 -33.71 -6.51
C GLU A 60 -16.49 -32.99 -5.53
N SER A 61 -15.64 -32.10 -6.05
CA SER A 61 -14.75 -31.30 -5.21
C SER A 61 -15.53 -30.17 -4.54
N LEU A 62 -16.32 -29.45 -5.35
CA LEU A 62 -17.13 -28.34 -4.85
C LEU A 62 -18.12 -28.79 -3.77
N LYS A 63 -18.67 -30.00 -3.95
CA LYS A 63 -19.66 -30.58 -3.03
C LYS A 63 -19.17 -30.68 -1.59
N GLN A 64 -17.85 -30.78 -1.43
CA GLN A 64 -17.25 -30.99 -0.11
C GLN A 64 -17.06 -29.69 0.67
N LEU A 65 -17.36 -28.56 0.04
CA LEU A 65 -17.19 -27.26 0.66
C LEU A 65 -18.40 -26.85 1.49
N ASP A 66 -18.18 -25.96 2.45
CA ASP A 66 -19.26 -25.34 3.23
C ASP A 66 -19.74 -24.07 2.54
N ALA A 67 -18.87 -23.45 1.75
CA ALA A 67 -19.19 -22.24 1.01
C ALA A 67 -18.30 -22.07 -0.21
N VAL A 68 -18.81 -21.33 -1.19
CA VAL A 68 -18.04 -20.95 -2.36
C VAL A 68 -18.09 -19.43 -2.47
N ILE A 69 -16.94 -18.81 -2.69
CA ILE A 69 -16.89 -17.42 -3.11
C ILE A 69 -16.32 -17.40 -4.52
N THR A 70 -17.15 -16.96 -5.47
CA THR A 70 -16.75 -17.01 -6.88
C THR A 70 -16.74 -15.64 -7.58
N CYS A 71 -15.61 -15.36 -8.21
CA CYS A 71 -15.44 -14.19 -9.06
C CYS A 71 -15.19 -14.62 -10.52
N GLN A 72 -15.52 -15.87 -10.82
CA GLN A 72 -15.22 -16.48 -12.12
C GLN A 72 -16.09 -15.94 -13.25
N GLY A 73 -17.35 -15.64 -12.96
CA GLY A 73 -18.25 -15.05 -13.95
C GLY A 73 -19.52 -15.84 -14.21
N GLY A 74 -20.41 -15.24 -15.00
CA GLY A 74 -21.74 -15.79 -15.28
C GLY A 74 -21.76 -17.15 -15.94
N SER A 75 -20.89 -17.34 -16.93
CA SER A 75 -20.80 -18.61 -17.66
C SER A 75 -20.51 -19.76 -16.69
N TYR A 76 -19.60 -19.50 -15.76
CA TYR A 76 -19.22 -20.50 -14.77
C TYR A 76 -20.38 -20.86 -13.84
N THR A 77 -21.05 -19.84 -13.31
CA THR A 77 -22.19 -20.02 -12.41
C THR A 77 -23.32 -20.80 -13.11
N GLU A 78 -23.62 -20.44 -14.34
CA GLU A 78 -24.63 -21.14 -15.15
C GLU A 78 -24.34 -22.63 -15.28
N LYS A 79 -23.07 -22.98 -15.44
CA LYS A 79 -22.65 -24.37 -15.60
C LYS A 79 -22.65 -25.15 -14.29
N VAL A 80 -22.17 -24.52 -13.23
CA VAL A 80 -21.84 -25.22 -11.99
C VAL A 80 -22.94 -25.17 -10.92
N TYR A 81 -23.54 -24.00 -10.72
CA TYR A 81 -24.50 -23.80 -9.63
C TYR A 81 -25.72 -24.75 -9.67
N PRO A 82 -26.41 -24.86 -10.82
CA PRO A 82 -27.56 -25.76 -10.88
C PRO A 82 -27.21 -27.21 -10.55
N ALA A 83 -26.07 -27.68 -11.04
CA ALA A 83 -25.59 -29.03 -10.79
C ALA A 83 -25.27 -29.23 -9.31
N LEU A 84 -24.68 -28.20 -8.69
CA LEU A 84 -24.34 -28.24 -7.28
C LEU A 84 -25.58 -28.37 -6.40
N ARG A 85 -26.57 -27.51 -6.65
CA ARG A 85 -27.82 -27.55 -5.89
C ARG A 85 -28.59 -28.85 -6.12
N GLN A 86 -28.61 -29.33 -7.37
CA GLN A 86 -29.27 -30.59 -7.72
C GLN A 86 -28.64 -31.79 -7.02
N ALA A 87 -27.34 -31.71 -6.76
CA ALA A 87 -26.61 -32.76 -6.04
C ALA A 87 -26.92 -32.76 -4.53
N GLY A 88 -27.71 -31.79 -4.08
CA GLY A 88 -28.10 -31.68 -2.68
C GLY A 88 -27.18 -30.82 -1.83
N TRP A 89 -26.31 -30.05 -2.49
CA TRP A 89 -25.40 -29.14 -1.79
C TRP A 89 -26.17 -27.96 -1.20
N LYS A 90 -26.02 -27.77 0.11
CA LYS A 90 -26.72 -26.72 0.84
C LYS A 90 -25.79 -25.63 1.35
N GLY A 91 -24.59 -25.57 0.76
CA GLY A 91 -23.57 -24.61 1.18
C GLY A 91 -23.89 -23.19 0.73
N TYR A 92 -23.10 -22.24 1.23
CA TYR A 92 -23.26 -20.84 0.88
C TYR A 92 -22.58 -20.54 -0.45
N TRP A 93 -23.35 -19.97 -1.38
CA TRP A 93 -22.82 -19.57 -2.68
C TRP A 93 -22.79 -18.05 -2.72
N ILE A 94 -21.57 -17.50 -2.67
CA ILE A 94 -21.35 -16.05 -2.68
C ILE A 94 -20.72 -15.69 -4.03
N ASP A 95 -21.41 -14.84 -4.79
CA ASP A 95 -21.13 -14.72 -6.22
C ASP A 95 -21.07 -13.26 -6.66
N ALA A 96 -20.04 -12.92 -7.44
CA ALA A 96 -19.92 -11.60 -8.04
C ALA A 96 -20.78 -11.46 -9.30
N ALA A 97 -21.05 -12.60 -9.95
CA ALA A 97 -21.75 -12.63 -11.24
C ALA A 97 -23.23 -12.27 -11.15
N SER A 98 -23.77 -11.75 -12.25
CA SER A 98 -25.16 -11.29 -12.32
C SER A 98 -26.17 -12.44 -12.39
N THR A 99 -25.69 -13.64 -12.71
CA THR A 99 -26.55 -14.80 -13.02
C THR A 99 -27.75 -15.00 -12.10
N LEU A 100 -27.49 -15.07 -10.79
CA LEU A 100 -28.51 -15.47 -9.82
C LEU A 100 -29.18 -14.31 -9.07
N ARG A 101 -28.82 -13.08 -9.42
CA ARG A 101 -29.32 -11.89 -8.71
C ARG A 101 -30.83 -11.87 -8.54
N MET A 102 -31.56 -12.16 -9.61
CA MET A 102 -33.02 -12.02 -9.61
C MET A 102 -33.76 -13.32 -9.31
N ASP A 103 -33.02 -14.35 -8.92
CA ASP A 103 -33.59 -15.63 -8.49
CA ASP A 103 -33.61 -15.61 -8.50
C ASP A 103 -34.21 -15.47 -7.10
N LYS A 104 -35.42 -16.00 -6.93
CA LYS A 104 -36.16 -15.88 -5.66
C LYS A 104 -35.42 -16.45 -4.44
N GLU A 105 -34.56 -17.43 -4.66
CA GLU A 105 -33.79 -18.05 -3.57
C GLU A 105 -32.52 -17.28 -3.21
N ALA A 106 -32.22 -16.24 -3.98
CA ALA A 106 -31.00 -15.46 -3.78
C ALA A 106 -31.29 -14.09 -3.16
N ILE A 107 -30.35 -13.63 -2.34
CA ILE A 107 -30.38 -12.26 -1.83
C ILE A 107 -29.23 -11.48 -2.47
N ILE A 108 -29.52 -10.27 -2.95
CA ILE A 108 -28.47 -9.38 -3.43
C ILE A 108 -27.87 -8.70 -2.21
N THR A 109 -26.56 -8.85 -2.05
CA THR A 109 -25.88 -8.46 -0.81
C THR A 109 -25.17 -7.10 -0.93
N LEU A 110 -25.62 -6.15 -0.12
CA LEU A 110 -24.96 -4.85 0.03
C LEU A 110 -25.25 -4.39 1.46
N ASP A 111 -24.55 -5.00 2.41
CA ASP A 111 -24.93 -4.93 3.83
C ASP A 111 -25.05 -3.53 4.46
N PRO A 112 -24.24 -2.53 4.01
CA PRO A 112 -24.47 -1.22 4.59
C PRO A 112 -25.87 -0.68 4.28
N VAL A 113 -26.49 -1.23 3.23
CA VAL A 113 -27.86 -0.87 2.85
C VAL A 113 -28.90 -1.89 3.35
N ASN A 114 -28.60 -3.19 3.23
CA ASN A 114 -29.61 -4.23 3.52
C ASN A 114 -29.19 -5.33 4.51
N LEU A 115 -28.41 -4.96 5.52
CA LEU A 115 -27.96 -5.92 6.53
C LEU A 115 -29.11 -6.75 7.11
N LYS A 116 -30.20 -6.07 7.48
CA LYS A 116 -31.36 -6.76 8.08
C LYS A 116 -31.93 -7.84 7.16
N GLN A 117 -32.00 -7.53 5.87
CA GLN A 117 -32.47 -8.48 4.86
C GLN A 117 -31.54 -9.69 4.78
N ILE A 118 -30.24 -9.43 4.83
CA ILE A 118 -29.22 -10.49 4.81
C ILE A 118 -29.34 -11.38 6.05
N LEU A 119 -29.44 -10.75 7.23
CA LEU A 119 -29.59 -11.48 8.48
C LEU A 119 -30.85 -12.34 8.49
N HIS A 120 -31.95 -11.77 8.00
CA HIS A 120 -33.21 -12.50 7.90
C HIS A 120 -33.07 -13.72 7.00
N GLY A 121 -32.38 -13.55 5.87
CA GLY A 121 -32.09 -14.64 4.96
C GLY A 121 -31.27 -15.76 5.59
N ILE A 122 -30.21 -15.39 6.31
CA ILE A 122 -29.37 -16.37 7.01
C ILE A 122 -30.21 -17.19 8.00
N HIS A 123 -31.03 -16.49 8.77
CA HIS A 123 -31.89 -17.13 9.77
C HIS A 123 -32.90 -18.10 9.16
N HIS A 124 -33.42 -17.74 7.98
CA HIS A 124 -34.52 -18.47 7.37
C HIS A 124 -34.13 -19.36 6.19
N GLY A 125 -32.84 -19.62 6.05
CA GLY A 125 -32.35 -20.67 5.14
C GLY A 125 -31.87 -20.25 3.78
N THR A 126 -31.65 -18.96 3.56
CA THR A 126 -31.05 -18.48 2.32
C THR A 126 -29.58 -18.87 2.27
N LYS A 127 -29.16 -19.46 1.14
CA LYS A 127 -27.79 -19.95 0.98
C LYS A 127 -27.07 -19.31 -0.21
N THR A 128 -27.76 -18.41 -0.91
CA THR A 128 -27.19 -17.77 -2.10
C THR A 128 -27.22 -16.25 -1.96
N PHE A 129 -26.03 -15.66 -1.99
CA PHE A 129 -25.85 -14.23 -1.79
C PHE A 129 -25.01 -13.68 -2.92
N VAL A 130 -25.56 -12.71 -3.64
CA VAL A 130 -24.99 -12.24 -4.88
C VAL A 130 -24.74 -10.74 -4.82
N GLY A 131 -23.54 -10.32 -5.22
CA GLY A 131 -23.22 -8.91 -5.30
C GLY A 131 -24.03 -8.26 -6.41
N GLY A 132 -24.48 -7.03 -6.19
CA GLY A 132 -25.25 -6.31 -7.19
C GLY A 132 -24.36 -5.74 -8.28
N ASN A 133 -24.99 -5.23 -9.35
CA ASN A 133 -24.25 -4.54 -10.40
C ASN A 133 -23.50 -3.35 -9.81
N CYS A 134 -22.27 -3.15 -10.26
CA CYS A 134 -21.39 -2.13 -9.70
C CYS A 134 -22.06 -0.77 -9.61
N THR A 135 -22.80 -0.39 -10.66
CA THR A 135 -23.49 0.91 -10.69
C THR A 135 -24.56 1.03 -9.61
N VAL A 136 -25.36 -0.02 -9.45
CA VAL A 136 -26.44 -0.05 -8.46
C VAL A 136 -25.88 0.06 -7.03
N SER A 137 -24.86 -0.74 -6.75
CA SER A 137 -24.21 -0.79 -5.44
C SER A 137 -23.60 0.56 -5.07
N LEU A 138 -22.88 1.16 -6.02
CA LEU A 138 -22.22 2.44 -5.77
C LEU A 138 -23.22 3.58 -5.57
N MET A 139 -24.33 3.52 -6.31
CA MET A 139 -25.39 4.52 -6.17
C MET A 139 -26.03 4.43 -4.78
N LEU A 140 -26.35 3.22 -4.36
CA LEU A 140 -27.00 2.99 -3.07
C LEU A 140 -26.09 3.27 -1.87
N MET A 141 -24.79 3.04 -2.04
CA MET A 141 -23.81 3.41 -1.01
C MET A 141 -23.80 4.93 -0.80
N ALA A 142 -24.06 5.67 -1.87
CA ALA A 142 -24.11 7.12 -1.82
C ALA A 142 -25.45 7.64 -1.30
N LEU A 143 -26.55 7.04 -1.74
CA LEU A 143 -27.89 7.58 -1.51
C LEU A 143 -28.77 6.73 -0.57
N GLY A 144 -28.15 5.78 0.11
CA GLY A 144 -28.85 4.90 1.06
C GLY A 144 -29.74 5.63 2.05
N GLY A 145 -29.28 6.79 2.53
CA GLY A 145 -30.01 7.60 3.51
C GLY A 145 -31.36 8.09 3.04
N LEU A 146 -31.43 8.44 1.75
CA LEU A 146 -32.67 8.89 1.13
C LEU A 146 -33.63 7.74 0.88
N TYR A 147 -33.10 6.63 0.36
CA TYR A 147 -33.91 5.47 -0.01
C TYR A 147 -34.51 4.74 1.18
N GLU A 148 -33.80 4.72 2.31
CA GLU A 148 -34.29 4.02 3.50
C GLU A 148 -35.46 4.75 4.16
N ARG A 149 -35.53 6.06 3.97
CA ARG A 149 -36.64 6.88 4.47
C ARG A 149 -37.80 6.95 3.48
N GLY A 150 -37.70 6.18 2.41
CA GLY A 150 -38.74 6.09 1.37
C GLY A 150 -39.08 7.42 0.74
N LEU A 151 -38.08 8.27 0.58
CA LEU A 151 -38.29 9.63 0.10
C LEU A 151 -38.18 9.79 -1.41
N VAL A 152 -37.59 8.79 -2.07
CA VAL A 152 -37.36 8.85 -3.51
C VAL A 152 -38.60 8.41 -4.29
N GLU A 153 -39.14 9.33 -5.10
CA GLU A 153 -40.26 9.05 -5.99
C GLU A 153 -39.76 8.36 -7.26
N TRP A 154 -38.72 8.94 -7.86
CA TRP A 154 -38.01 8.33 -8.99
C TRP A 154 -36.61 8.93 -9.11
N MET A 155 -35.76 8.27 -9.88
CA MET A 155 -34.40 8.75 -10.09
C MET A 155 -33.92 8.50 -11.53
N SER A 156 -33.39 9.55 -12.15
CA SER A 156 -32.73 9.44 -13.45
C SER A 156 -31.23 9.41 -13.22
N ALA A 157 -30.56 8.42 -13.78
CA ALA A 157 -29.12 8.23 -13.57
C ALA A 157 -28.35 8.25 -14.88
N MET A 158 -27.51 9.27 -15.06
CA MET A 158 -26.62 9.35 -16.20
C MET A 158 -25.22 9.04 -15.72
N THR A 159 -24.65 7.94 -16.22
CA THR A 159 -23.41 7.42 -15.67
C THR A 159 -22.17 7.72 -16.50
N TYR A 160 -21.03 7.64 -15.82
CA TYR A 160 -19.72 7.85 -16.40
C TYR A 160 -18.90 6.66 -15.93
N GLN A 161 -18.91 5.59 -16.73
CA GLN A 161 -18.38 4.31 -16.28
C GLN A 161 -16.98 4.00 -16.79
N ALA A 162 -16.12 3.59 -15.87
CA ALA A 162 -14.72 3.32 -16.15
C ALA A 162 -14.53 2.07 -17.00
N ALA A 163 -13.36 1.99 -17.64
CA ALA A 163 -12.99 0.88 -18.51
C ALA A 163 -12.94 -0.46 -17.79
N SER A 164 -12.62 -0.42 -16.49
CA SER A 164 -12.52 -1.62 -15.66
C SER A 164 -13.80 -2.46 -15.65
N GLY A 165 -14.95 -1.79 -15.73
CA GLY A 165 -16.23 -2.47 -15.79
C GLY A 165 -16.37 -3.44 -16.94
N ALA A 166 -15.69 -3.12 -18.05
CA ALA A 166 -15.71 -3.95 -19.25
C ALA A 166 -14.70 -5.07 -19.19
N GLY A 167 -13.65 -4.89 -18.38
CA GLY A 167 -12.65 -5.93 -18.14
C GLY A 167 -11.22 -5.41 -18.11
N ALA A 168 -10.31 -6.27 -17.63
CA ALA A 168 -8.89 -5.94 -17.53
C ALA A 168 -8.27 -5.58 -18.88
N GLN A 169 -8.62 -6.34 -19.93
CA GLN A 169 -8.10 -6.05 -21.27
C GLN A 169 -8.61 -4.71 -21.80
N ASN A 170 -9.83 -4.34 -21.43
CA ASN A 170 -10.39 -3.05 -21.82
C ASN A 170 -9.66 -1.88 -21.16
N MET A 171 -9.25 -2.07 -19.90
CA MET A 171 -8.44 -1.06 -19.20
C MET A 171 -7.10 -0.91 -19.90
N ARG A 172 -6.47 -2.04 -20.22
CA ARG A 172 -5.19 -2.04 -20.91
C ARG A 172 -5.32 -1.31 -22.25
N GLU A 173 -6.41 -1.58 -22.95
CA GLU A 173 -6.67 -0.95 -24.24
C GLU A 173 -6.83 0.56 -24.10
N LEU A 174 -7.54 1.00 -23.06
CA LEU A 174 -7.72 2.43 -22.81
C LEU A 174 -6.36 3.12 -22.70
N ILE A 175 -5.48 2.56 -21.87
CA ILE A 175 -4.15 3.16 -21.66
C ILE A 175 -3.33 3.16 -22.95
N SER A 176 -3.37 2.05 -23.68
CA SER A 176 -2.68 1.94 -24.97
C SER A 176 -3.18 2.98 -25.96
N GLN A 177 -4.50 3.18 -25.99
CA GLN A 177 -5.12 4.21 -26.82
C GLN A 177 -4.60 5.60 -26.46
N MET A 178 -4.52 5.88 -25.16
CA MET A 178 -3.95 7.14 -24.67
C MET A 178 -2.53 7.34 -25.20
N GLY A 179 -1.72 6.28 -25.13
CA GLY A 179 -0.36 6.32 -25.64
C GLY A 179 -0.27 6.64 -27.12
N VAL A 180 -1.12 5.99 -27.91
CA VAL A 180 -1.16 6.19 -29.37
C VAL A 180 -1.56 7.62 -29.72
N ILE A 181 -2.54 8.17 -28.99
CA ILE A 181 -2.94 9.57 -29.16
C ILE A 181 -1.76 10.52 -28.95
N ASN A 182 -1.10 10.39 -27.80
CA ASN A 182 0.04 11.26 -27.48
C ASN A 182 1.21 11.11 -28.46
N ASP A 183 1.54 9.87 -28.82
CA ASP A 183 2.62 9.59 -29.79
C ASP A 183 2.46 10.37 -31.09
N ALA A 184 1.21 10.48 -31.55
CA ALA A 184 0.91 11.11 -32.83
C ALA A 184 1.20 12.61 -32.87
N VAL A 185 1.19 13.25 -31.71
CA VAL A 185 1.37 14.70 -31.62
C VAL A 185 2.43 15.15 -30.60
N SER A 186 3.26 14.22 -30.14
CA SER A 186 4.26 14.53 -29.10
C SER A 186 5.21 15.66 -29.51
N SER A 187 5.60 15.67 -30.79
CA SER A 187 6.49 16.71 -31.34
C SER A 187 5.86 18.10 -31.27
N GLU A 188 4.63 18.22 -31.76
CA GLU A 188 3.93 19.50 -31.76
C GLU A 188 3.53 19.94 -30.34
N LEU A 189 3.30 18.98 -29.45
CA LEU A 189 3.06 19.28 -28.04
C LEU A 189 4.28 19.93 -27.39
N ALA A 190 5.47 19.47 -27.76
CA ALA A 190 6.72 20.00 -27.23
C ALA A 190 7.07 21.36 -27.81
N ASN A 191 6.41 21.73 -28.90
CA ASN A 191 6.59 23.03 -29.55
C ASN A 191 5.48 24.00 -29.13
N PRO A 192 5.82 25.01 -28.31
CA PRO A 192 4.85 25.99 -27.81
C PRO A 192 4.14 26.78 -28.92
N ALA A 193 4.80 26.92 -30.07
CA ALA A 193 4.28 27.69 -31.20
C ALA A 193 3.34 26.90 -32.12
N SER A 194 3.23 25.60 -31.90
CA SER A 194 2.40 24.73 -32.74
C SER A 194 0.91 25.10 -32.64
N SER A 195 0.20 24.83 -33.74
CA SER A 195 -1.22 25.15 -33.84
C SER A 195 -2.09 24.06 -33.22
N ILE A 196 -3.04 24.46 -32.37
CA ILE A 196 -3.98 23.51 -31.77
C ILE A 196 -4.82 22.80 -32.83
N LEU A 197 -5.10 23.48 -33.93
CA LEU A 197 -5.89 22.86 -35.00
C LEU A 197 -5.11 21.79 -35.76
N ASP A 198 -3.80 22.00 -35.90
CA ASP A 198 -2.91 20.98 -36.45
C ASP A 198 -2.85 19.77 -35.52
N ILE A 199 -2.68 20.03 -34.22
CA ILE A 199 -2.67 18.97 -33.21
C ILE A 199 -3.99 18.20 -33.24
N ASP A 200 -5.11 18.94 -33.23
CA ASP A 200 -6.44 18.34 -33.24
C ASP A 200 -6.66 17.46 -34.47
N LYS A 201 -6.26 17.97 -35.64
CA LYS A 201 -6.39 17.24 -36.90
C LYS A 201 -5.70 15.88 -36.81
N LYS A 202 -4.48 15.86 -36.27
CA LYS A 202 -3.71 14.62 -36.17
C LYS A 202 -4.29 13.66 -35.14
N VAL A 203 -4.75 14.20 -34.01
CA VAL A 203 -5.39 13.39 -32.97
C VAL A 203 -6.65 12.71 -33.51
N ALA A 204 -7.47 13.47 -34.23
CA ALA A 204 -8.70 12.94 -34.83
C ALA A 204 -8.41 11.86 -35.85
N GLU A 205 -7.42 12.11 -36.72
CA GLU A 205 -6.97 11.14 -37.72
C GLU A 205 -6.50 9.84 -37.06
N THR A 206 -5.68 9.99 -36.02
CA THR A 206 -5.10 8.86 -35.30
C THR A 206 -6.17 7.98 -34.64
N MET A 207 -7.13 8.60 -33.95
CA MET A 207 -8.20 7.88 -33.29
C MET A 207 -9.06 7.10 -34.28
N ARG A 208 -9.19 7.64 -35.50
CA ARG A 208 -9.99 7.02 -36.55
C ARG A 208 -9.25 5.97 -37.35
N SER A 209 -7.92 6.04 -37.34
CA SER A 209 -7.08 5.15 -38.16
C SER A 209 -7.25 3.68 -37.80
N GLY A 210 -6.96 2.81 -38.76
CA GLY A 210 -7.03 1.37 -38.54
C GLY A 210 -6.12 0.91 -37.41
N SER A 211 -4.94 1.52 -37.33
CA SER A 211 -3.93 1.13 -36.35
C SER A 211 -4.29 1.48 -34.89
N PHE A 212 -5.26 2.36 -34.70
CA PHE A 212 -5.71 2.68 -33.34
C PHE A 212 -6.24 1.41 -32.67
N PRO A 213 -5.67 1.04 -31.50
CA PRO A 213 -6.05 -0.23 -30.88
C PRO A 213 -7.49 -0.24 -30.35
N THR A 214 -8.37 -0.94 -31.05
CA THR A 214 -9.80 -0.97 -30.71
C THR A 214 -10.39 -2.37 -30.68
N ASP A 215 -9.56 -3.40 -30.57
CA ASP A 215 -10.05 -4.78 -30.59
C ASP A 215 -11.09 -5.08 -29.52
N ASN A 216 -10.90 -4.54 -28.31
CA ASN A 216 -11.81 -4.79 -27.20
C ASN A 216 -13.06 -3.90 -27.21
N PHE A 217 -12.89 -2.59 -27.40
CA PHE A 217 -14.01 -1.66 -27.41
C PHE A 217 -14.75 -1.57 -28.74
N GLY A 218 -14.03 -1.81 -29.84
CA GLY A 218 -14.60 -1.72 -31.19
C GLY A 218 -14.48 -0.32 -31.78
N VAL A 219 -14.35 0.65 -30.88
CA VAL A 219 -14.26 2.08 -31.22
C VAL A 219 -13.31 2.73 -30.20
N PRO A 220 -12.88 3.99 -30.45
CA PRO A 220 -12.05 4.64 -29.44
C PRO A 220 -12.78 4.87 -28.11
N LEU A 221 -12.06 4.73 -27.00
CA LEU A 221 -12.55 5.23 -25.72
C LEU A 221 -11.76 6.47 -25.30
N ALA A 222 -10.42 6.37 -25.32
CA ALA A 222 -9.59 7.54 -25.06
C ALA A 222 -9.94 8.64 -26.07
N GLY A 223 -10.19 9.84 -25.54
CA GLY A 223 -10.59 10.98 -26.36
C GLY A 223 -12.06 10.99 -26.79
N SER A 224 -12.83 10.02 -26.30
CA SER A 224 -14.22 9.85 -26.72
C SER A 224 -15.08 9.33 -25.56
N LEU A 225 -16.23 8.75 -25.90
CA LEU A 225 -17.09 8.03 -24.96
C LEU A 225 -17.95 7.04 -25.75
N ILE A 226 -18.58 6.10 -25.06
CA ILE A 226 -19.47 5.14 -25.71
C ILE A 226 -20.79 5.07 -24.92
N PRO A 227 -21.87 5.65 -25.48
CA PRO A 227 -23.15 5.72 -24.77
C PRO A 227 -23.99 4.46 -24.92
N TRP A 228 -23.35 3.31 -24.79
CA TRP A 228 -24.05 2.03 -24.78
C TRP A 228 -23.18 1.00 -24.06
N ILE A 229 -23.75 0.37 -23.03
CA ILE A 229 -23.06 -0.68 -22.29
C ILE A 229 -23.96 -1.92 -22.21
N ASP A 230 -23.42 -3.06 -22.66
CA ASP A 230 -24.11 -4.36 -22.65
C ASP A 230 -25.20 -4.47 -23.71
N VAL A 231 -25.86 -5.62 -23.76
CA VAL A 231 -26.83 -5.96 -24.81
C VAL A 231 -28.10 -5.11 -24.79
N LYS A 232 -28.73 -4.99 -25.95
CA LYS A 232 -30.02 -4.29 -26.05
C LYS A 232 -31.16 -5.11 -25.43
N ARG A 233 -32.10 -4.41 -24.81
CA ARG A 233 -33.34 -5.02 -24.34
C ARG A 233 -34.53 -4.46 -25.14
N ASP A 234 -35.65 -5.19 -25.10
CA ASP A 234 -36.81 -4.89 -25.96
C ASP A 234 -37.35 -3.47 -25.87
N ASN A 235 -37.38 -2.90 -24.67
CA ASN A 235 -37.90 -1.54 -24.48
C ASN A 235 -36.94 -0.42 -24.87
N GLY A 236 -35.75 -0.78 -25.33
CA GLY A 236 -34.76 0.20 -25.78
C GLY A 236 -33.65 0.49 -24.79
N GLN A 237 -33.79 -0.02 -23.57
CA GLN A 237 -32.73 0.05 -22.56
C GLN A 237 -31.61 -0.92 -22.93
N SER A 238 -30.39 -0.59 -22.53
CA SER A 238 -29.32 -1.57 -22.50
C SER A 238 -29.50 -2.39 -21.21
N LYS A 239 -28.87 -3.56 -21.16
CA LYS A 239 -28.96 -4.39 -19.95
C LYS A 239 -28.42 -3.67 -18.70
N GLU A 240 -27.36 -2.90 -18.88
CA GLU A 240 -26.76 -2.12 -17.80
C GLU A 240 -27.76 -1.13 -17.20
N GLU A 241 -28.52 -0.46 -18.06
CA GLU A 241 -29.52 0.52 -17.64
C GLU A 241 -30.70 -0.14 -16.92
N TRP A 242 -31.08 -1.32 -17.40
CA TRP A 242 -32.17 -2.10 -16.83
C TRP A 242 -31.85 -2.63 -15.44
N LYS A 243 -30.58 -3.00 -15.23
CA LYS A 243 -30.13 -3.59 -13.96
C LYS A 243 -30.43 -2.70 -12.76
N ALA A 244 -30.20 -1.40 -12.91
CA ALA A 244 -30.40 -0.42 -11.84
C ALA A 244 -31.75 -0.59 -11.14
N GLY A 245 -32.83 -0.54 -11.90
CA GLY A 245 -34.18 -0.57 -11.35
C GLY A 245 -34.55 -1.84 -10.61
N VAL A 246 -34.42 -2.98 -11.29
CA VAL A 246 -34.80 -4.26 -10.69
C VAL A 246 -33.94 -4.66 -9.50
N GLU A 247 -32.64 -4.34 -9.56
CA GLU A 247 -31.70 -4.73 -8.50
C GLU A 247 -31.84 -3.86 -7.26
N ALA A 248 -31.94 -2.55 -7.45
CA ALA A 248 -32.06 -1.63 -6.31
C ALA A 248 -33.34 -1.90 -5.51
N ASN A 249 -34.44 -2.12 -6.23
CA ASN A 249 -35.71 -2.43 -5.59
C ASN A 249 -35.73 -3.78 -4.86
N LYS A 250 -34.97 -4.75 -5.37
CA LYS A 250 -34.82 -6.02 -4.65
C LYS A 250 -34.00 -5.84 -3.37
N ILE A 251 -32.88 -5.12 -3.48
CA ILE A 251 -32.01 -4.83 -2.33
C ILE A 251 -32.81 -4.13 -1.21
N LEU A 252 -33.60 -3.13 -1.62
CA LEU A 252 -34.35 -2.29 -0.69
C LEU A 252 -35.65 -2.93 -0.20
N GLY A 253 -36.01 -4.07 -0.79
CA GLY A 253 -37.23 -4.78 -0.43
C GLY A 253 -38.48 -4.03 -0.87
N LEU A 254 -38.39 -3.38 -2.03
CA LEU A 254 -39.47 -2.55 -2.55
C LEU A 254 -40.13 -3.13 -3.81
N GLN A 255 -39.99 -4.42 -4.04
CA GLN A 255 -40.54 -5.05 -5.25
C GLN A 255 -42.07 -4.94 -5.38
N ASP A 256 -42.76 -4.75 -4.25
CA ASP A 256 -44.20 -4.53 -4.26
C ASP A 256 -44.57 -3.07 -4.56
N SER A 257 -43.63 -2.15 -4.34
CA SER A 257 -43.84 -0.74 -4.65
C SER A 257 -42.56 -0.10 -5.20
N PRO A 258 -42.14 -0.51 -6.41
CA PRO A 258 -40.81 -0.17 -6.90
C PRO A 258 -40.62 1.31 -7.25
N VAL A 259 -39.42 1.82 -6.98
CA VAL A 259 -39.02 3.15 -7.39
C VAL A 259 -38.52 3.08 -8.84
N PRO A 260 -39.13 3.88 -9.74
CA PRO A 260 -38.65 3.95 -11.11
C PRO A 260 -37.23 4.51 -11.14
N ILE A 261 -36.31 3.74 -11.71
CA ILE A 261 -34.92 4.15 -11.87
C ILE A 261 -34.51 3.88 -13.32
N ASP A 262 -34.05 4.92 -14.00
CA ASP A 262 -33.70 4.81 -15.42
C ASP A 262 -32.68 5.88 -15.80
N GLY A 263 -32.11 5.74 -16.99
CA GLY A 263 -31.12 6.71 -17.49
C GLY A 263 -30.23 6.07 -18.55
N THR A 264 -29.16 6.77 -18.90
CA THR A 264 -28.23 6.29 -19.91
C THR A 264 -26.89 5.94 -19.27
N CYS A 265 -26.40 4.74 -19.54
CA CYS A 265 -25.11 4.29 -19.04
C CYS A 265 -24.04 4.50 -20.11
N VAL A 266 -23.01 5.29 -19.76
CA VAL A 266 -22.01 5.72 -20.72
C VAL A 266 -20.61 5.30 -20.26
N ARG A 267 -19.85 4.70 -21.18
CA ARG A 267 -18.46 4.35 -20.91
C ARG A 267 -17.58 5.56 -21.20
N ILE A 268 -16.75 5.93 -20.22
CA ILE A 268 -15.78 7.01 -20.43
C ILE A 268 -14.36 6.51 -20.12
N GLY A 269 -13.36 7.32 -20.46
CA GLY A 269 -11.96 6.93 -20.27
C GLY A 269 -11.42 7.08 -18.86
N ALA A 270 -12.17 6.58 -17.87
CA ALA A 270 -11.68 6.47 -16.50
C ALA A 270 -11.15 5.06 -16.27
N MET A 271 -10.24 4.90 -15.31
CA MET A 271 -9.62 3.60 -15.05
C MET A 271 -10.52 2.59 -14.33
N ARG A 272 -10.90 2.88 -13.08
CA ARG A 272 -11.66 1.91 -12.28
C ARG A 272 -12.71 2.48 -11.31
N CYS A 273 -13.11 3.72 -11.53
CA CYS A 273 -14.21 4.33 -10.77
C CYS A 273 -15.37 4.69 -11.66
N HIS A 274 -16.58 4.35 -11.22
CA HIS A 274 -17.81 4.75 -11.88
C HIS A 274 -18.37 6.00 -11.20
N SER A 275 -18.77 6.97 -12.03
CA SER A 275 -19.39 8.20 -11.54
C SER A 275 -20.81 8.31 -12.07
N GLN A 276 -21.67 8.98 -11.34
CA GLN A 276 -23.09 9.06 -11.70
C GLN A 276 -23.64 10.44 -11.42
N ALA A 277 -24.33 10.99 -12.40
CA ALA A 277 -25.02 12.27 -12.25
C ALA A 277 -26.52 12.00 -12.17
N LEU A 278 -27.11 12.36 -11.02
CA LEU A 278 -28.45 11.92 -10.67
C LEU A 278 -29.45 13.05 -10.56
N THR A 279 -30.60 12.87 -11.19
CA THR A 279 -31.77 13.71 -10.97
C THR A 279 -32.70 12.91 -10.07
N ILE A 280 -32.84 13.36 -8.83
CA ILE A 280 -33.59 12.62 -7.82
C ILE A 280 -34.87 13.37 -7.46
N LYS A 281 -36.01 12.80 -7.83
CA LYS A 281 -37.29 13.38 -7.48
C LYS A 281 -37.70 12.88 -6.11
N LEU A 282 -37.84 13.81 -5.17
CA LEU A 282 -38.25 13.47 -3.81
C LEU A 282 -39.76 13.66 -3.61
N LYS A 283 -40.33 12.90 -2.69
CA LYS A 283 -41.76 12.94 -2.40
C LYS A 283 -42.16 14.16 -1.58
N GLN A 284 -41.17 14.79 -0.95
CA GLN A 284 -41.39 15.92 -0.06
C GLN A 284 -40.35 17.00 -0.29
N ASN A 285 -40.71 18.25 0.03
CA ASN A 285 -39.73 19.32 0.09
C ASN A 285 -38.97 19.25 1.42
N ILE A 286 -37.75 18.76 1.36
CA ILE A 286 -36.91 18.57 2.54
C ILE A 286 -35.71 19.53 2.45
N PRO A 287 -35.47 20.32 3.52
CA PRO A 287 -34.35 21.26 3.52
C PRO A 287 -33.01 20.59 3.20
N LEU A 288 -32.15 21.29 2.47
CA LEU A 288 -30.89 20.73 1.97
C LEU A 288 -29.96 20.22 3.09
N ASP A 289 -29.92 20.95 4.21
CA ASP A 289 -29.11 20.54 5.37
CA ASP A 289 -29.09 20.52 5.34
C ASP A 289 -29.54 19.18 5.91
N GLU A 290 -30.87 18.96 5.94
CA GLU A 290 -31.45 17.71 6.41
C GLU A 290 -31.13 16.56 5.45
N ILE A 291 -31.20 16.85 4.15
CA ILE A 291 -30.85 15.89 3.10
C ILE A 291 -29.39 15.45 3.26
N GLU A 292 -28.50 16.42 3.42
CA GLU A 292 -27.07 16.18 3.59
C GLU A 292 -26.79 15.30 4.81
N GLU A 293 -27.48 15.57 5.91
CA GLU A 293 -27.33 14.79 7.15
C GLU A 293 -27.83 13.35 6.99
N MET A 294 -29.02 13.20 6.41
CA MET A 294 -29.58 11.88 6.09
C MET A 294 -28.61 11.04 5.27
N ILE A 295 -28.02 11.66 4.26
CA ILE A 295 -27.05 11.00 3.38
C ILE A 295 -25.76 10.65 4.14
N ALA A 296 -25.20 11.63 4.84
CA ALA A 296 -23.90 11.47 5.51
C ALA A 296 -23.91 10.40 6.60
N THR A 297 -25.01 10.28 7.34
CA THR A 297 -25.07 9.39 8.49
C THR A 297 -25.47 7.95 8.17
N HIS A 298 -25.82 7.67 6.92
CA HIS A 298 -26.32 6.34 6.54
C HIS A 298 -25.30 5.22 6.74
N ASN A 299 -24.05 5.47 6.37
CA ASN A 299 -22.99 4.47 6.46
C ASN A 299 -21.60 5.08 6.62
N ASP A 300 -20.60 4.25 6.92
CA ASP A 300 -19.25 4.71 7.23
C ASP A 300 -18.41 5.14 6.03
N TRP A 301 -18.91 4.89 4.81
CA TRP A 301 -18.10 5.09 3.61
C TRP A 301 -18.54 6.25 2.71
N VAL A 302 -19.84 6.56 2.75
CA VAL A 302 -20.36 7.74 2.06
C VAL A 302 -19.70 9.02 2.62
N LYS A 303 -19.35 9.95 1.73
CA LYS A 303 -18.70 11.18 2.13
C LYS A 303 -19.35 12.36 1.42
N VAL A 304 -20.03 13.23 2.18
CA VAL A 304 -20.66 14.41 1.59
C VAL A 304 -19.63 15.49 1.33
N ILE A 305 -19.42 15.78 0.05
CA ILE A 305 -18.47 16.81 -0.37
C ILE A 305 -19.23 18.13 -0.48
N PRO A 306 -18.77 19.17 0.26
CA PRO A 306 -19.43 20.47 0.20
C PRO A 306 -19.52 20.98 -1.23
N ASN A 307 -20.62 21.65 -1.56
CA ASN A 307 -20.84 22.15 -2.91
C ASN A 307 -20.04 23.42 -3.20
N GLU A 308 -18.72 23.28 -3.14
CA GLU A 308 -17.79 24.36 -3.42
C GLU A 308 -16.86 23.90 -4.53
N ARG A 309 -16.38 24.85 -5.34
CA ARG A 309 -15.66 24.53 -6.57
C ARG A 309 -14.36 23.74 -6.37
N ASP A 310 -13.44 24.31 -5.60
CA ASP A 310 -12.11 23.72 -5.45
C ASP A 310 -12.13 22.37 -4.76
N ILE A 311 -12.92 22.25 -3.69
CA ILE A 311 -13.03 20.97 -2.97
C ILE A 311 -13.69 19.87 -3.82
N THR A 312 -14.63 20.27 -4.68
CA THR A 312 -15.27 19.32 -5.59
C THR A 312 -14.26 18.74 -6.57
N ALA A 313 -13.45 19.62 -7.18
CA ALA A 313 -12.43 19.21 -8.15
C ALA A 313 -11.39 18.25 -7.55
N ARG A 314 -11.09 18.42 -6.26
CA ARG A 314 -10.10 17.58 -5.59
C ARG A 314 -10.66 16.27 -5.04
N GLU A 315 -11.95 16.27 -4.67
CA GLU A 315 -12.52 15.15 -3.92
C GLU A 315 -13.50 14.27 -4.71
N LEU A 316 -14.27 14.87 -5.60
CA LEU A 316 -15.36 14.17 -6.27
C LEU A 316 -14.95 13.65 -7.65
N THR A 317 -13.87 12.87 -7.69
CA THR A 317 -13.30 12.42 -8.95
C THR A 317 -12.78 10.99 -8.86
N PRO A 318 -12.71 10.29 -10.00
CA PRO A 318 -12.01 9.01 -10.09
C PRO A 318 -10.56 9.07 -9.59
N ALA A 319 -9.84 10.15 -9.90
CA ALA A 319 -8.44 10.29 -9.48
C ALA A 319 -8.27 10.23 -7.96
N LYS A 320 -9.21 10.85 -7.24
CA LYS A 320 -9.22 10.83 -5.78
C LYS A 320 -9.64 9.47 -5.22
N VAL A 321 -10.73 8.92 -5.77
CA VAL A 321 -11.42 7.76 -5.20
C VAL A 321 -10.73 6.43 -5.49
N THR A 322 -10.09 6.33 -6.65
CA THR A 322 -9.54 5.05 -7.13
C THR A 322 -8.76 4.25 -6.08
N GLY A 323 -9.12 2.98 -5.93
CA GLY A 323 -8.44 2.07 -5.02
C GLY A 323 -8.79 2.26 -3.55
N THR A 324 -9.82 3.07 -3.28
CA THR A 324 -10.28 3.32 -1.91
C THR A 324 -11.74 2.92 -1.76
N LEU A 325 -12.18 2.74 -0.52
CA LEU A 325 -13.55 2.35 -0.21
C LEU A 325 -14.46 3.56 0.01
N SER A 326 -13.93 4.76 -0.23
CA SER A 326 -14.68 5.99 -0.02
C SER A 326 -15.70 6.21 -1.13
N VAL A 327 -16.89 6.66 -0.76
CA VAL A 327 -17.96 6.94 -1.73
C VAL A 327 -18.43 8.39 -1.60
N PRO A 328 -17.67 9.34 -2.19
CA PRO A 328 -18.07 10.74 -2.10
C PRO A 328 -19.31 11.04 -2.94
N VAL A 329 -20.15 11.91 -2.40
CA VAL A 329 -21.31 12.43 -3.12
C VAL A 329 -21.34 13.95 -2.92
N GLY A 330 -21.56 14.68 -4.02
CA GLY A 330 -21.53 16.13 -3.96
C GLY A 330 -22.44 16.77 -4.98
N ARG A 331 -22.22 18.08 -5.19
CA ARG A 331 -23.11 18.93 -5.99
C ARG A 331 -24.56 18.82 -5.52
N LEU A 332 -24.73 18.57 -4.22
CA LEU A 332 -26.06 18.41 -3.64
C LEU A 332 -26.75 19.77 -3.55
N ARG A 333 -27.85 19.90 -4.29
CA ARG A 333 -28.60 21.15 -4.39
C ARG A 333 -29.98 20.89 -5.00
N LYS A 334 -30.92 21.77 -4.69
CA LYS A 334 -32.23 21.76 -5.33
C LYS A 334 -32.10 22.25 -6.76
N MET A 335 -32.90 21.68 -7.66
CA MET A 335 -32.80 21.99 -9.08
C MET A 335 -33.88 22.98 -9.52
N ALA A 336 -33.72 23.53 -10.72
CA ALA A 336 -34.64 24.54 -11.26
C ALA A 336 -36.08 24.02 -11.37
N MET A 337 -36.23 22.71 -11.50
CA MET A 337 -37.54 22.08 -11.67
C MET A 337 -38.44 22.18 -10.43
N GLY A 338 -37.83 22.39 -9.27
CA GLY A 338 -38.56 22.55 -8.01
C GLY A 338 -37.75 22.11 -6.81
N ASP A 339 -38.23 22.42 -5.62
CA ASP A 339 -37.51 22.08 -4.38
C ASP A 339 -37.69 20.62 -3.95
N ASP A 340 -38.43 19.86 -4.76
CA ASP A 340 -38.50 18.41 -4.62
C ASP A 340 -37.63 17.69 -5.66
N PHE A 341 -36.83 18.46 -6.40
CA PHE A 341 -35.83 17.91 -7.31
C PHE A 341 -34.46 18.11 -6.70
N LEU A 342 -33.72 17.01 -6.55
CA LEU A 342 -32.38 17.07 -5.99
C LEU A 342 -31.33 16.59 -6.99
N ASN A 343 -30.32 17.43 -7.22
CA ASN A 343 -29.16 17.05 -8.00
C ASN A 343 -28.10 16.40 -7.10
N ALA A 344 -27.49 15.34 -7.59
CA ALA A 344 -26.38 14.69 -6.90
C ALA A 344 -25.38 14.13 -7.90
N PHE A 345 -24.09 14.22 -7.56
CA PHE A 345 -23.04 13.60 -8.34
C PHE A 345 -22.17 12.76 -7.42
N THR A 346 -21.98 11.50 -7.77
CA THR A 346 -21.22 10.58 -6.92
C THR A 346 -20.17 9.78 -7.68
N VAL A 347 -19.12 9.40 -6.97
CA VAL A 347 -18.03 8.60 -7.52
C VAL A 347 -17.74 7.46 -6.56
N GLY A 348 -17.48 6.27 -7.10
CA GLY A 348 -17.13 5.11 -6.28
C GLY A 348 -16.24 4.14 -7.05
N ASP A 349 -15.40 3.42 -6.33
CA ASP A 349 -14.52 2.43 -6.95
C ASP A 349 -15.32 1.19 -7.34
N GLN A 350 -15.25 0.85 -8.64
CA GLN A 350 -16.02 -0.23 -9.24
C GLN A 350 -15.64 -1.63 -8.74
N LEU A 351 -14.36 -1.80 -8.39
CA LEU A 351 -13.86 -3.12 -8.00
C LEU A 351 -14.01 -3.41 -6.50
N LEU A 352 -14.19 -2.37 -5.71
CA LEU A 352 -14.31 -2.54 -4.27
C LEU A 352 -15.78 -2.69 -3.85
N TRP A 353 -16.47 -1.59 -3.55
CA TRP A 353 -17.90 -1.68 -3.24
C TRP A 353 -18.74 -2.20 -4.41
N GLY A 354 -18.26 -1.97 -5.63
CA GLY A 354 -18.93 -2.43 -6.83
C GLY A 354 -18.68 -3.89 -7.20
N ALA A 355 -17.80 -4.56 -6.47
CA ALA A 355 -17.48 -5.96 -6.76
C ALA A 355 -17.01 -6.77 -5.55
N ALA A 356 -15.76 -6.59 -5.15
CA ALA A 356 -15.12 -7.47 -4.17
C ALA A 356 -15.63 -7.32 -2.74
N GLU A 357 -15.88 -6.07 -2.32
CA GLU A 357 -16.14 -5.81 -0.90
C GLU A 357 -17.38 -6.52 -0.33
N PRO A 358 -18.52 -6.49 -1.05
CA PRO A 358 -19.70 -7.17 -0.48
C PRO A 358 -19.50 -8.68 -0.30
N LEU A 359 -18.64 -9.28 -1.11
CA LEU A 359 -18.38 -10.72 -1.02
C LEU A 359 -17.68 -11.10 0.29
N ARG A 360 -16.58 -10.42 0.61
CA ARG A 360 -15.85 -10.71 1.84
C ARG A 360 -16.63 -10.33 3.09
N ARG A 361 -17.40 -9.24 3.00
CA ARG A 361 -18.25 -8.81 4.12
C ARG A 361 -19.36 -9.81 4.38
N THR A 362 -19.97 -10.33 3.31
CA THR A 362 -21.02 -11.36 3.43
C THR A 362 -20.46 -12.61 4.13
N LEU A 363 -19.23 -13.00 3.78
CA LEU A 363 -18.57 -14.12 4.45
C LEU A 363 -18.53 -13.89 5.97
N ARG A 364 -18.12 -12.69 6.39
CA ARG A 364 -17.99 -12.38 7.81
C ARG A 364 -19.34 -12.36 8.55
N ILE A 365 -20.36 -11.82 7.89
CA ILE A 365 -21.72 -11.81 8.44
C ILE A 365 -22.25 -13.24 8.63
N ILE A 366 -22.03 -14.09 7.62
CA ILE A 366 -22.41 -15.50 7.70
C ILE A 366 -21.69 -16.21 8.84
N LEU A 367 -20.39 -15.99 8.96
CA LEU A 367 -19.61 -16.59 10.05
C LEU A 367 -20.13 -16.22 11.44
N ALA A 368 -20.54 -14.96 11.62
CA ALA A 368 -21.03 -14.47 12.90
C ALA A 368 -22.42 -15.00 13.23
N GLU A 369 -23.24 -15.15 12.21
CA GLU A 369 -24.67 -15.38 12.41
C GLU A 369 -25.15 -16.82 12.19
N LYS A 370 -24.38 -17.62 11.44
CA LYS A 370 -24.79 -18.99 11.11
C LYS A 370 -24.95 -19.91 12.32
N MET B 1 13.56 -24.63 14.06
CA MET B 1 14.39 -23.61 14.76
C MET B 1 13.52 -22.71 15.63
N ARG B 2 13.78 -22.73 16.94
CA ARG B 2 13.08 -21.87 17.89
C ARG B 2 13.78 -20.50 17.91
N VAL B 3 13.06 -19.48 17.49
CA VAL B 3 13.61 -18.13 17.40
C VAL B 3 12.87 -17.18 18.32
N GLY B 4 13.61 -16.53 19.21
CA GLY B 4 13.06 -15.53 20.12
C GLY B 4 12.98 -14.17 19.47
N LEU B 5 11.87 -13.47 19.69
CA LEU B 5 11.69 -12.11 19.20
C LEU B 5 11.60 -11.15 20.38
N VAL B 6 12.56 -10.24 20.48
CA VAL B 6 12.57 -9.21 21.53
C VAL B 6 12.52 -7.84 20.86
N GLY B 7 11.69 -6.95 21.40
CA GLY B 7 11.53 -5.61 20.80
C GLY B 7 10.75 -5.62 19.50
N TRP B 8 9.87 -6.62 19.37
CA TRP B 8 8.99 -6.77 18.20
C TRP B 8 7.90 -5.71 18.16
N ARG B 9 7.62 -5.09 19.32
CA ARG B 9 6.48 -4.17 19.47
C ARG B 9 6.83 -2.74 19.07
N GLY B 10 8.12 -2.38 19.19
CA GLY B 10 8.58 -1.02 18.89
C GLY B 10 8.58 -0.73 17.40
N MET B 11 9.06 0.45 17.03
CA MET B 11 9.03 0.89 15.63
C MET B 11 9.81 -0.05 14.69
N VAL B 12 11.08 -0.28 15.00
CA VAL B 12 11.92 -1.15 14.18
C VAL B 12 11.36 -2.57 14.16
N GLY B 13 11.02 -3.08 15.34
CA GLY B 13 10.41 -4.40 15.48
C GLY B 13 9.12 -4.58 14.68
N SER B 14 8.29 -3.52 14.63
CA SER B 14 7.02 -3.58 13.90
CA SER B 14 7.02 -3.60 13.90
C SER B 14 7.24 -3.65 12.39
N VAL B 15 8.28 -2.97 11.91
CA VAL B 15 8.67 -3.03 10.50
C VAL B 15 9.18 -4.44 10.20
N LEU B 16 9.98 -4.99 11.10
CA LEU B 16 10.46 -6.37 10.98
C LEU B 16 9.30 -7.37 10.94
N MET B 17 8.33 -7.22 11.84
CA MET B 17 7.17 -8.12 11.88
C MET B 17 6.41 -8.09 10.55
N GLN B 18 6.21 -6.88 10.02
CA GLN B 18 5.54 -6.69 8.72
C GLN B 18 6.26 -7.43 7.61
N ARG B 19 7.59 -7.26 7.56
CA ARG B 19 8.39 -7.88 6.52
C ARG B 19 8.44 -9.41 6.64
N MET B 20 8.51 -9.90 7.88
CA MET B 20 8.51 -11.34 8.12
C MET B 20 7.20 -11.98 7.69
N VAL B 21 6.09 -11.27 7.90
CA VAL B 21 4.77 -11.69 7.40
C VAL B 21 4.74 -11.69 5.85
N GLU B 22 5.23 -10.62 5.25
CA GLU B 22 5.27 -10.48 3.78
C GLU B 22 6.11 -11.57 3.11
N GLU B 23 7.20 -11.97 3.75
CA GLU B 23 8.14 -12.93 3.18
C GLU B 23 7.93 -14.38 3.65
N ARG B 24 6.86 -14.59 4.42
CA ARG B 24 6.52 -15.92 4.99
C ARG B 24 7.65 -16.50 5.86
N ASP B 25 8.34 -15.62 6.58
CA ASP B 25 9.46 -16.04 7.44
C ASP B 25 8.99 -16.89 8.62
N PHE B 26 7.78 -16.61 9.11
CA PHE B 26 7.25 -17.34 10.26
C PHE B 26 6.96 -18.81 9.95
N ASP B 27 6.72 -19.12 8.68
CA ASP B 27 6.52 -20.50 8.23
C ASP B 27 7.76 -21.36 8.47
N LEU B 28 8.92 -20.70 8.59
CA LEU B 28 10.22 -21.39 8.64
C LEU B 28 10.75 -21.60 10.06
N ILE B 29 10.09 -20.99 11.04
CA ILE B 29 10.57 -20.99 12.42
C ILE B 29 9.45 -21.26 13.43
N GLU B 30 9.83 -21.57 14.66
CA GLU B 30 8.90 -21.57 15.78
C GLU B 30 9.16 -20.28 16.56
N PRO B 31 8.30 -19.26 16.36
CA PRO B 31 8.52 -17.97 17.01
C PRO B 31 8.15 -17.99 18.49
N VAL B 32 9.02 -17.39 19.30
CA VAL B 32 8.76 -17.22 20.72
C VAL B 32 8.89 -15.73 21.01
N PHE B 33 7.79 -15.13 21.46
CA PHE B 33 7.74 -13.69 21.67
C PHE B 33 8.04 -13.31 23.11
N PHE B 34 8.93 -12.33 23.27
CA PHE B 34 9.37 -11.87 24.58
C PHE B 34 8.94 -10.44 24.83
N SER B 35 8.89 -10.05 26.10
CA SER B 35 8.43 -8.73 26.50
C SER B 35 9.20 -8.25 27.72
N THR B 36 9.41 -6.94 27.81
CA THR B 36 10.02 -6.34 29.00
C THR B 36 8.95 -5.75 29.93
N SER B 37 7.71 -5.69 29.44
CA SER B 37 6.64 -4.98 30.16
C SER B 37 5.32 -5.76 30.27
N GLN B 38 5.04 -6.62 29.30
CA GLN B 38 3.72 -7.28 29.19
C GLN B 38 3.81 -8.80 29.33
N ILE B 39 4.53 -9.28 30.33
CA ILE B 39 4.82 -10.71 30.46
C ILE B 39 3.59 -11.55 30.84
N GLY B 40 3.41 -12.68 30.15
CA GLY B 40 2.39 -13.67 30.54
C GLY B 40 1.03 -13.54 29.88
N VAL B 41 0.85 -12.50 29.09
CA VAL B 41 -0.37 -12.35 28.28
C VAL B 41 -0.11 -12.90 26.87
N PRO B 42 -1.17 -13.14 26.07
CA PRO B 42 -0.97 -13.73 24.75
C PRO B 42 -0.01 -12.95 23.85
N ALA B 43 0.87 -13.69 23.18
CA ALA B 43 1.78 -13.16 22.19
C ALA B 43 1.00 -12.72 20.95
N PRO B 44 1.57 -11.85 20.11
CA PRO B 44 0.88 -11.49 18.87
C PRO B 44 0.67 -12.70 17.97
N ASN B 45 -0.44 -12.72 17.25
CA ASN B 45 -0.76 -13.78 16.31
C ASN B 45 -0.68 -13.21 14.90
N PHE B 46 0.44 -13.47 14.23
CA PHE B 46 0.68 -12.97 12.87
C PHE B 46 0.30 -13.99 11.79
N GLY B 47 -0.46 -15.00 12.18
CA GLY B 47 -0.86 -16.07 11.29
C GLY B 47 -1.02 -17.39 12.02
N LYS B 48 -0.14 -17.64 12.98
CA LYS B 48 -0.21 -18.84 13.81
C LYS B 48 0.00 -18.53 15.30
N ASP B 49 -0.63 -19.33 16.15
CA ASP B 49 -0.56 -19.16 17.60
C ASP B 49 0.87 -19.36 18.12
N ALA B 50 1.36 -18.36 18.85
CA ALA B 50 2.72 -18.41 19.42
C ALA B 50 2.71 -18.45 20.95
N GLY B 51 1.53 -18.65 21.53
CA GLY B 51 1.40 -18.76 22.98
C GLY B 51 1.48 -17.43 23.70
N MET B 52 2.23 -17.39 24.79
CA MET B 52 2.29 -16.23 25.69
C MET B 52 3.57 -15.42 25.52
N LEU B 53 3.53 -14.17 25.94
CA LEU B 53 4.73 -13.34 26.01
C LEU B 53 5.63 -13.84 27.13
N HIS B 54 6.88 -14.14 26.77
CA HIS B 54 7.86 -14.63 27.74
C HIS B 54 8.68 -13.48 28.30
N ASP B 55 9.32 -13.72 29.44
CA ASP B 55 10.13 -12.72 30.12
C ASP B 55 11.45 -12.49 29.39
N ALA B 56 11.63 -11.29 28.85
CA ALA B 56 12.83 -10.93 28.08
C ALA B 56 14.10 -10.90 28.92
N PHE B 57 13.95 -10.86 30.24
CA PHE B 57 15.10 -10.84 31.16
C PHE B 57 15.40 -12.20 31.78
N ASP B 58 14.55 -13.19 31.48
CA ASP B 58 14.74 -14.54 32.01
C ASP B 58 15.73 -15.34 31.18
N ILE B 59 16.95 -15.45 31.69
CA ILE B 59 18.03 -16.18 31.02
C ILE B 59 17.64 -17.65 30.79
N GLU B 60 16.94 -18.24 31.75
CA GLU B 60 16.48 -19.63 31.66
C GLU B 60 15.55 -19.87 30.47
N SER B 61 14.72 -18.88 30.16
CA SER B 61 13.84 -18.94 28.99
C SER B 61 14.60 -18.72 27.69
N LEU B 62 15.46 -17.71 27.68
CA LEU B 62 16.24 -17.36 26.50
C LEU B 62 17.21 -18.46 26.09
N LYS B 63 17.76 -19.16 27.08
CA LYS B 63 18.69 -20.28 26.86
C LYS B 63 18.11 -21.39 25.99
N GLN B 64 16.78 -21.51 25.98
CA GLN B 64 16.11 -22.59 25.27
C GLN B 64 15.96 -22.34 23.77
N LEU B 65 16.34 -21.14 23.32
CA LEU B 65 16.16 -20.76 21.93
C LEU B 65 17.36 -21.15 21.07
N ASP B 66 17.12 -21.33 19.77
CA ASP B 66 18.18 -21.55 18.80
C ASP B 66 18.71 -20.21 18.29
N ALA B 67 17.86 -19.19 18.37
CA ALA B 67 18.22 -17.85 17.90
C ALA B 67 17.41 -16.78 18.62
N VAL B 68 17.97 -15.57 18.66
CA VAL B 68 17.28 -14.37 19.14
C VAL B 68 17.39 -13.29 18.07
N ILE B 69 16.27 -12.67 17.73
CA ILE B 69 16.30 -11.40 16.99
C ILE B 69 15.79 -10.31 17.92
N THR B 70 16.66 -9.37 18.26
CA THR B 70 16.29 -8.31 19.18
C THR B 70 16.35 -6.91 18.55
N CYS B 71 15.22 -6.21 18.64
CA CYS B 71 15.11 -4.80 18.26
C CYS B 71 14.84 -3.97 19.51
N GLN B 72 15.18 -4.51 20.68
CA GLN B 72 14.84 -3.86 21.96
C GLN B 72 15.77 -2.70 22.29
N GLY B 73 17.03 -2.81 21.91
CA GLY B 73 17.99 -1.72 22.09
C GLY B 73 19.24 -2.06 22.88
N GLY B 74 20.13 -1.09 22.96
CA GLY B 74 21.44 -1.26 23.59
C GLY B 74 21.40 -1.59 25.07
N SER B 75 20.54 -0.89 25.81
CA SER B 75 20.38 -1.12 27.24
C SER B 75 19.99 -2.57 27.55
N TYR B 76 19.12 -3.12 26.71
CA TYR B 76 18.68 -4.51 26.83
C TYR B 76 19.83 -5.49 26.55
N THR B 77 20.50 -5.28 25.42
CA THR B 77 21.63 -6.12 25.02
C THR B 77 22.73 -6.14 26.08
N GLU B 78 23.07 -4.97 26.61
CA GLU B 78 24.09 -4.85 27.67
C GLU B 78 23.76 -5.70 28.91
N LYS B 79 22.49 -5.73 29.28
CA LYS B 79 22.03 -6.46 30.46
C LYS B 79 21.97 -7.97 30.23
N VAL B 80 21.48 -8.37 29.06
CA VAL B 80 21.11 -9.76 28.81
C VAL B 80 22.18 -10.59 28.08
N TYR B 81 22.79 -10.02 27.06
CA TYR B 81 23.74 -10.76 26.22
C TYR B 81 24.92 -11.40 26.99
N PRO B 82 25.66 -10.60 27.79
CA PRO B 82 26.80 -11.21 28.49
C PRO B 82 26.37 -12.36 29.42
N ALA B 83 25.25 -12.17 30.11
CA ALA B 83 24.70 -13.18 31.02
C ALA B 83 24.28 -14.45 30.27
N LEU B 84 23.67 -14.28 29.10
CA LEU B 84 23.21 -15.39 28.28
C LEU B 84 24.40 -16.22 27.75
N ARG B 85 25.43 -15.53 27.23
CA ARG B 85 26.65 -16.22 26.77
C ARG B 85 27.36 -16.92 27.93
N GLN B 86 27.42 -16.24 29.08
CA GLN B 86 28.01 -16.79 30.29
C GLN B 86 27.31 -18.08 30.74
N ALA B 87 26.00 -18.15 30.50
CA ALA B 87 25.19 -19.31 30.86
C ALA B 87 25.41 -20.51 29.92
N GLY B 88 26.23 -20.32 28.89
CA GLY B 88 26.60 -21.39 27.98
C GLY B 88 25.80 -21.46 26.69
N TRP B 89 24.98 -20.43 26.45
CA TRP B 89 24.16 -20.35 25.25
C TRP B 89 25.02 -20.11 24.01
N LYS B 90 24.82 -20.96 23.01
CA LYS B 90 25.61 -20.93 21.77
C LYS B 90 24.72 -20.62 20.56
N GLY B 91 23.53 -20.08 20.82
CA GLY B 91 22.59 -19.74 19.76
C GLY B 91 22.96 -18.47 19.02
N TYR B 92 22.24 -18.19 17.94
CA TYR B 92 22.47 -17.00 17.13
C TYR B 92 21.80 -15.76 17.73
N TRP B 93 22.61 -14.74 17.97
CA TRP B 93 22.13 -13.47 18.48
C TRP B 93 22.15 -12.46 17.33
N ILE B 94 20.96 -12.05 16.90
CA ILE B 94 20.81 -11.10 15.79
C ILE B 94 20.25 -9.81 16.36
N ASP B 95 21.02 -8.73 16.22
CA ASP B 95 20.78 -7.52 16.99
C ASP B 95 20.73 -6.26 16.13
N ALA B 96 19.74 -5.42 16.40
CA ALA B 96 19.61 -4.09 15.77
C ALA B 96 20.50 -3.05 16.46
N ALA B 97 20.81 -3.30 17.73
CA ALA B 97 21.54 -2.34 18.57
C ALA B 97 23.03 -2.24 18.22
N SER B 98 23.60 -1.06 18.46
CA SER B 98 25.01 -0.80 18.17
C SER B 98 25.98 -1.53 19.10
N THR B 99 25.48 -1.96 20.26
CA THR B 99 26.27 -2.49 21.37
C THR B 99 27.43 -3.40 20.96
N LEU B 100 27.11 -4.48 20.24
CA LEU B 100 28.10 -5.53 19.97
C LEU B 100 28.78 -5.41 18.61
N ARG B 101 28.49 -4.35 17.87
CA ARG B 101 29.00 -4.18 16.50
C ARG B 101 30.51 -4.35 16.38
N MET B 102 31.26 -3.71 17.27
CA MET B 102 32.72 -3.70 17.18
C MET B 102 33.41 -4.80 17.99
N ASP B 103 32.61 -5.70 18.57
CA ASP B 103 33.12 -6.86 19.28
CA ASP B 103 33.15 -6.85 19.28
C ASP B 103 33.73 -7.85 18.29
N LYS B 104 34.90 -8.39 18.63
CA LYS B 104 35.62 -9.32 17.76
C LYS B 104 34.83 -10.59 17.42
N GLU B 105 33.94 -11.01 18.32
CA GLU B 105 33.13 -12.21 18.13
C GLU B 105 31.84 -11.94 17.34
N ALA B 106 31.65 -10.70 16.91
CA ALA B 106 30.44 -10.31 16.19
C ALA B 106 30.75 -9.90 14.75
N ILE B 107 29.82 -10.23 13.86
CA ILE B 107 29.88 -9.80 12.46
C ILE B 107 28.78 -8.77 12.22
N ILE B 108 29.14 -7.65 11.61
CA ILE B 108 28.14 -6.67 11.18
C ILE B 108 27.53 -7.14 9.86
N THR B 109 26.21 -7.30 9.84
CA THR B 109 25.53 -7.99 8.75
C THR B 109 24.87 -7.08 7.72
N LEU B 110 25.32 -7.18 6.48
CA LEU B 110 24.71 -6.51 5.35
C LEU B 110 24.98 -7.36 4.11
N ASP B 111 24.22 -8.46 3.99
CA ASP B 111 24.56 -9.53 3.05
C ASP B 111 24.75 -9.19 1.57
N PRO B 112 24.02 -8.19 1.03
CA PRO B 112 24.31 -7.82 -0.37
C PRO B 112 25.73 -7.29 -0.53
N VAL B 113 26.31 -6.83 0.57
CA VAL B 113 27.69 -6.34 0.59
C VAL B 113 28.67 -7.41 1.09
N ASN B 114 28.35 -8.09 2.20
CA ASN B 114 29.32 -8.99 2.84
C ASN B 114 28.82 -10.43 3.09
N LEU B 115 28.07 -10.99 2.15
CA LEU B 115 27.57 -12.36 2.27
C LEU B 115 28.69 -13.36 2.57
N LYS B 116 29.80 -13.23 1.84
CA LYS B 116 30.96 -14.10 2.01
C LYS B 116 31.49 -14.10 3.45
N GLN B 117 31.53 -12.91 4.06
CA GLN B 117 31.98 -12.74 5.44
C GLN B 117 31.01 -13.38 6.42
N ILE B 118 29.72 -13.21 6.15
CA ILE B 118 28.66 -13.82 6.96
C ILE B 118 28.70 -15.34 6.89
N LEU B 119 28.84 -15.87 5.67
CA LEU B 119 28.87 -17.32 5.45
C LEU B 119 30.09 -17.96 6.11
N HIS B 120 31.25 -17.33 5.96
CA HIS B 120 32.47 -17.80 6.61
C HIS B 120 32.27 -17.85 8.12
N GLY B 121 31.63 -16.81 8.66
CA GLY B 121 31.30 -16.73 10.08
C GLY B 121 30.45 -17.89 10.56
N ILE B 122 29.34 -18.14 9.86
CA ILE B 122 28.43 -19.25 10.20
C ILE B 122 29.17 -20.59 10.20
N HIS B 123 29.99 -20.81 9.17
CA HIS B 123 30.77 -22.05 9.04
C HIS B 123 31.87 -22.18 10.09
N HIS B 124 32.36 -21.05 10.61
CA HIS B 124 33.50 -21.08 11.54
C HIS B 124 33.14 -20.80 13.01
N GLY B 125 31.85 -20.78 13.31
CA GLY B 125 31.38 -20.70 14.69
C GLY B 125 30.97 -19.35 15.24
N THR B 126 30.89 -18.33 14.37
CA THR B 126 30.38 -17.02 14.78
C THR B 126 28.89 -17.12 15.04
N LYS B 127 28.45 -16.60 16.18
CA LYS B 127 27.06 -16.73 16.63
C LYS B 127 26.39 -15.38 16.89
N THR B 128 27.11 -14.29 16.64
CA THR B 128 26.57 -12.95 16.88
C THR B 128 26.65 -12.11 15.60
N PHE B 129 25.47 -11.66 15.17
CA PHE B 129 25.34 -10.90 13.94
C PHE B 129 24.55 -9.63 14.22
N VAL B 130 25.16 -8.49 13.89
CA VAL B 130 24.61 -7.20 14.28
C VAL B 130 24.39 -6.32 13.05
N GLY B 131 23.20 -5.75 12.95
CA GLY B 131 22.93 -4.75 11.91
C GLY B 131 23.79 -3.52 12.15
N GLY B 132 24.31 -2.96 11.06
CA GLY B 132 25.12 -1.74 11.16
C GLY B 132 24.27 -0.50 11.32
N ASN B 133 24.92 0.62 11.60
CA ASN B 133 24.24 1.92 11.67
C ASN B 133 23.49 2.16 10.35
N CYS B 134 22.32 2.79 10.46
CA CYS B 134 21.44 3.00 9.31
C CYS B 134 22.15 3.71 8.16
N THR B 135 22.96 4.71 8.47
CA THR B 135 23.68 5.49 7.47
C THR B 135 24.75 4.65 6.77
N VAL B 136 25.40 3.77 7.53
CA VAL B 136 26.42 2.86 6.99
C VAL B 136 25.78 1.89 6.01
N SER B 137 24.71 1.22 6.45
CA SER B 137 23.98 0.26 5.63
C SER B 137 23.49 0.86 4.32
N LEU B 138 22.87 2.04 4.41
CA LEU B 138 22.31 2.70 3.23
C LEU B 138 23.37 3.19 2.25
N MET B 139 24.49 3.69 2.77
CA MET B 139 25.62 4.11 1.93
C MET B 139 26.25 2.94 1.18
N LEU B 140 26.47 1.83 1.88
CA LEU B 140 27.09 0.65 1.27
C LEU B 140 26.17 -0.10 0.31
N MET B 141 24.85 -0.04 0.56
CA MET B 141 23.88 -0.57 -0.39
C MET B 141 23.93 0.20 -1.71
N ALA B 142 24.25 1.49 -1.61
CA ALA B 142 24.37 2.36 -2.77
C ALA B 142 25.72 2.24 -3.47
N LEU B 143 26.79 2.21 -2.70
CA LEU B 143 28.15 2.27 -3.26
C LEU B 143 28.96 0.97 -3.14
N GLY B 144 28.28 -0.14 -2.91
CA GLY B 144 28.92 -1.45 -2.78
C GLY B 144 29.81 -1.83 -3.95
N GLY B 145 29.37 -1.48 -5.16
CA GLY B 145 30.12 -1.74 -6.39
C GLY B 145 31.48 -1.07 -6.45
N LEU B 146 31.57 0.15 -5.91
CA LEU B 146 32.83 0.90 -5.86
C LEU B 146 33.78 0.31 -4.82
N TYR B 147 33.25 -0.02 -3.66
CA TYR B 147 34.03 -0.59 -2.57
C TYR B 147 34.49 -2.02 -2.82
N GLU B 148 33.71 -2.79 -3.58
CA GLU B 148 34.08 -4.18 -3.88
C GLU B 148 35.28 -4.29 -4.83
N ARG B 149 35.51 -3.23 -5.60
CA ARG B 149 36.64 -3.16 -6.52
C ARG B 149 37.81 -2.37 -5.93
N GLY B 150 37.72 -2.06 -4.64
CA GLY B 150 38.77 -1.35 -3.91
C GLY B 150 39.18 0.00 -4.49
N LEU B 151 38.24 0.67 -5.14
CA LEU B 151 38.53 1.91 -5.86
C LEU B 151 38.44 3.18 -5.02
N VAL B 152 37.84 3.07 -3.84
CA VAL B 152 37.63 4.24 -2.98
C VAL B 152 38.86 4.53 -2.11
N GLU B 153 39.43 5.71 -2.30
CA GLU B 153 40.58 6.17 -1.50
C GLU B 153 40.10 6.79 -0.19
N TRP B 154 39.12 7.69 -0.29
CA TRP B 154 38.42 8.23 0.87
C TRP B 154 37.05 8.73 0.48
N MET B 155 36.21 9.01 1.48
CA MET B 155 34.87 9.51 1.22
C MET B 155 34.41 10.49 2.29
N SER B 156 33.92 11.64 1.84
CA SER B 156 33.27 12.61 2.70
C SER B 156 31.76 12.45 2.55
N ALA B 157 31.06 12.34 3.69
CA ALA B 157 29.62 12.09 3.68
C ALA B 157 28.88 13.15 4.47
N MET B 158 28.12 13.98 3.75
CA MET B 158 27.25 14.98 4.38
C MET B 158 25.83 14.46 4.29
N THR B 159 25.20 14.25 5.45
CA THR B 159 23.94 13.52 5.49
C THR B 159 22.72 14.40 5.75
N TYR B 160 21.57 13.87 5.36
CA TYR B 160 20.28 14.50 5.49
C TYR B 160 19.39 13.45 6.14
N GLN B 161 19.43 13.39 7.47
CA GLN B 161 18.83 12.27 8.20
C GLN B 161 17.41 12.54 8.73
N ALA B 162 16.55 11.56 8.49
CA ALA B 162 15.13 11.65 8.85
C ALA B 162 14.90 11.56 10.35
N ALA B 163 13.73 12.04 10.78
CA ALA B 163 13.31 12.02 12.18
C ALA B 163 13.21 10.60 12.76
N SER B 164 12.87 9.62 11.91
CA SER B 164 12.74 8.23 12.33
C SER B 164 14.01 7.68 12.97
N GLY B 165 15.16 8.20 12.54
CA GLY B 165 16.45 7.82 13.10
C GLY B 165 16.54 8.06 14.60
N ALA B 166 15.84 9.08 15.08
CA ALA B 166 15.83 9.43 16.50
C ALA B 166 14.71 8.74 17.27
N GLY B 167 13.74 8.18 16.55
CA GLY B 167 12.66 7.42 17.18
C GLY B 167 11.25 7.84 16.76
N ALA B 168 10.28 7.00 17.12
CA ALA B 168 8.88 7.23 16.80
C ALA B 168 8.34 8.55 17.36
N GLN B 169 8.67 8.85 18.62
CA GLN B 169 8.23 10.09 19.24
C GLN B 169 8.78 11.32 18.51
N ASN B 170 9.98 11.19 17.95
CA ASN B 170 10.59 12.26 17.18
C ASN B 170 9.89 12.50 15.83
N MET B 171 9.48 11.41 15.18
CA MET B 171 8.66 11.51 13.97
C MET B 171 7.36 12.24 14.24
N ARG B 172 6.68 11.84 15.33
CA ARG B 172 5.42 12.46 15.73
C ARG B 172 5.62 13.94 16.01
N GLU B 173 6.71 14.27 16.69
CA GLU B 173 7.05 15.66 17.01
C GLU B 173 7.29 16.50 15.76
N LEU B 174 8.00 15.94 14.78
CA LEU B 174 8.21 16.61 13.50
C LEU B 174 6.90 17.02 12.85
N ILE B 175 5.96 16.08 12.77
CA ILE B 175 4.66 16.33 12.14
C ILE B 175 3.85 17.36 12.95
N SER B 176 3.92 17.26 14.27
CA SER B 176 3.25 18.23 15.14
C SER B 176 3.82 19.63 14.94
N GLN B 177 5.14 19.74 14.87
CA GLN B 177 5.80 21.01 14.57
C GLN B 177 5.32 21.63 13.26
N MET B 178 5.25 20.78 12.22
CA MET B 178 4.71 21.20 10.91
C MET B 178 3.32 21.81 11.04
N GLY B 179 2.46 21.13 11.81
CA GLY B 179 1.11 21.61 12.08
C GLY B 179 1.07 22.97 12.76
N VAL B 180 1.93 23.14 13.77
CA VAL B 180 1.99 24.38 14.54
C VAL B 180 2.44 25.55 13.65
N ILE B 181 3.43 25.30 12.79
CA ILE B 181 3.88 26.30 11.81
C ILE B 181 2.74 26.75 10.89
N ASN B 182 2.09 25.79 10.24
CA ASN B 182 0.99 26.11 9.33
C ASN B 182 -0.18 26.82 10.02
N ASP B 183 -0.55 26.34 11.21
CA ASP B 183 -1.64 26.93 11.98
C ASP B 183 -1.45 28.41 12.24
N ALA B 184 -0.20 28.82 12.45
CA ALA B 184 0.14 30.20 12.77
C ALA B 184 -0.10 31.17 11.61
N VAL B 185 -0.07 30.65 10.39
CA VAL B 185 -0.17 31.49 9.19
C VAL B 185 -1.23 31.04 8.17
N SER B 186 -2.12 30.14 8.59
CA SER B 186 -3.13 29.57 7.68
C SER B 186 -4.03 30.64 7.06
N SER B 187 -4.40 31.64 7.87
CA SER B 187 -5.23 32.76 7.42
C SER B 187 -4.58 33.56 6.29
N GLU B 188 -3.33 33.96 6.49
CA GLU B 188 -2.59 34.73 5.49
C GLU B 188 -2.21 33.90 4.26
N LEU B 189 -2.01 32.60 4.45
CA LEU B 189 -1.74 31.70 3.30
C LEU B 189 -2.95 31.62 2.36
N ALA B 190 -4.14 31.68 2.94
CA ALA B 190 -5.39 31.65 2.18
C ALA B 190 -5.64 32.95 1.42
N ASN B 191 -5.00 34.03 1.87
CA ASN B 191 -5.06 35.33 1.21
C ASN B 191 -3.87 35.51 0.26
N PRO B 192 -4.12 35.44 -1.07
CA PRO B 192 -3.02 35.54 -2.04
C PRO B 192 -2.32 36.89 -2.04
N ALA B 193 -2.98 37.92 -1.50
CA ALA B 193 -2.43 39.27 -1.45
C ALA B 193 -1.52 39.51 -0.23
N SER B 194 -1.53 38.59 0.73
CA SER B 194 -0.77 38.75 1.97
C SER B 194 0.73 38.84 1.74
N SER B 195 1.42 39.53 2.65
CA SER B 195 2.87 39.75 2.54
C SER B 195 3.68 38.53 2.99
N ILE B 196 4.63 38.11 2.16
CA ILE B 196 5.53 37.01 2.51
C ILE B 196 6.39 37.35 3.75
N LEU B 197 6.72 38.63 3.92
CA LEU B 197 7.51 39.03 5.09
C LEU B 197 6.70 38.93 6.38
N ASP B 198 5.41 39.24 6.29
CA ASP B 198 4.47 39.07 7.40
C ASP B 198 4.32 37.60 7.76
N ILE B 199 4.21 36.75 6.74
CA ILE B 199 4.11 35.29 6.94
C ILE B 199 5.39 34.77 7.58
N ASP B 200 6.54 35.18 7.02
CA ASP B 200 7.83 34.77 7.54
C ASP B 200 8.02 35.19 9.00
N LYS B 201 7.67 36.43 9.32
CA LYS B 201 7.78 36.95 10.69
C LYS B 201 7.02 36.07 11.68
N LYS B 202 5.79 35.70 11.31
CA LYS B 202 4.93 34.89 12.17
C LYS B 202 5.41 33.45 12.29
N VAL B 203 5.96 32.91 11.21
CA VAL B 203 6.51 31.56 11.23
C VAL B 203 7.73 31.49 12.17
N ALA B 204 8.62 32.47 12.06
CA ALA B 204 9.81 32.54 12.91
C ALA B 204 9.44 32.67 14.39
N GLU B 205 8.45 33.52 14.67
CA GLU B 205 7.95 33.72 16.03
C GLU B 205 7.36 32.44 16.60
N THR B 206 6.60 31.72 15.78
CA THR B 206 5.96 30.47 16.20
C THR B 206 7.01 29.39 16.50
N MET B 207 8.02 29.28 15.64
CA MET B 207 9.08 28.31 15.83
C MET B 207 9.91 28.59 17.08
N ARG B 208 9.94 29.87 17.48
CA ARG B 208 10.69 30.31 18.65
C ARG B 208 9.82 30.41 19.91
N SER B 209 8.50 30.21 19.76
CA SER B 209 7.56 30.34 20.86
C SER B 209 7.67 29.17 21.84
N GLY B 210 7.32 29.43 23.11
CA GLY B 210 7.34 28.41 24.15
C GLY B 210 6.44 27.22 23.84
N SER B 211 5.33 27.48 23.16
CA SER B 211 4.36 26.43 22.86
C SER B 211 4.78 25.50 21.71
N PHE B 212 5.83 25.87 20.99
CA PHE B 212 6.36 25.01 19.93
C PHE B 212 6.84 23.70 20.56
N PRO B 213 6.34 22.55 20.05
CA PRO B 213 6.68 21.29 20.69
C PRO B 213 8.09 20.80 20.33
N THR B 214 8.99 20.86 21.31
CA THR B 214 10.39 20.49 21.10
C THR B 214 10.95 19.50 22.14
N ASP B 215 10.04 18.81 22.83
CA ASP B 215 10.42 17.87 23.90
C ASP B 215 11.48 16.86 23.47
N ASN B 216 11.29 16.27 22.30
CA ASN B 216 12.16 15.20 21.84
C ASN B 216 13.44 15.69 21.17
N PHE B 217 13.32 16.68 20.29
CA PHE B 217 14.48 17.21 19.56
C PHE B 217 15.28 18.24 20.34
N GLY B 218 14.64 18.91 21.30
CA GLY B 218 15.30 19.95 22.09
C GLY B 218 15.20 21.32 21.43
N VAL B 219 15.08 21.32 20.10
CA VAL B 219 14.97 22.53 19.29
C VAL B 219 14.01 22.24 18.12
N PRO B 220 13.65 23.27 17.32
CA PRO B 220 12.82 22.98 16.14
C PRO B 220 13.53 22.11 15.11
N LEU B 221 12.77 21.21 14.47
CA LEU B 221 13.25 20.50 13.29
C LEU B 221 12.51 20.95 12.03
N ALA B 222 11.18 20.96 12.08
CA ALA B 222 10.38 21.51 11.00
C ALA B 222 10.78 22.97 10.76
N GLY B 223 11.07 23.30 9.50
CA GLY B 223 11.55 24.63 9.14
C GLY B 223 13.02 24.89 9.44
N SER B 224 13.72 23.87 9.92
CA SER B 224 15.11 24.02 10.36
C SER B 224 15.92 22.75 10.07
N LEU B 225 17.04 22.61 10.77
CA LEU B 225 17.86 21.39 10.76
C LEU B 225 18.71 21.37 12.01
N ILE B 226 19.30 20.22 12.32
CA ILE B 226 20.16 20.08 13.50
C ILE B 226 21.46 19.38 13.09
N PRO B 227 22.57 20.14 12.96
CA PRO B 227 23.82 19.54 12.48
C PRO B 227 24.61 18.84 13.59
N TRP B 228 23.92 18.05 14.40
CA TRP B 228 24.55 17.21 15.41
C TRP B 228 23.63 16.06 15.77
N ILE B 229 24.14 14.84 15.61
CA ILE B 229 23.42 13.63 15.96
C ILE B 229 24.27 12.76 16.89
N ASP B 230 23.71 12.47 18.07
CA ASP B 230 24.35 11.63 19.10
C ASP B 230 25.45 12.36 19.89
N VAL B 231 26.10 11.64 20.81
CA VAL B 231 27.06 12.23 21.75
C VAL B 231 28.37 12.67 21.09
N LYS B 232 29.06 13.63 21.72
CA LYS B 232 30.35 14.09 21.26
C LYS B 232 31.46 13.08 21.54
N ARG B 233 32.39 12.95 20.59
CA ARG B 233 33.60 12.17 20.79
C ARG B 233 34.82 13.08 20.86
N ASP B 234 35.92 12.57 21.39
CA ASP B 234 37.09 13.39 21.72
C ASP B 234 37.67 14.18 20.54
N ASN B 235 37.69 13.56 19.36
CA ASN B 235 38.28 14.19 18.18
C ASN B 235 37.42 15.26 17.51
N GLY B 236 36.21 15.46 18.03
CA GLY B 236 35.30 16.48 17.50
C GLY B 236 34.12 15.91 16.72
N GLN B 237 34.23 14.64 16.34
CA GLN B 237 33.13 13.94 15.68
C GLN B 237 31.99 13.71 16.66
N SER B 238 30.78 13.61 16.12
CA SER B 238 29.67 13.05 16.88
C SER B 238 29.77 11.53 16.74
N LYS B 239 29.12 10.79 17.62
CA LYS B 239 29.17 9.33 17.56
C LYS B 239 28.65 8.80 16.22
N GLU B 240 27.62 9.46 15.69
CA GLU B 240 27.02 9.11 14.39
C GLU B 240 28.04 9.20 13.25
N GLU B 241 28.84 10.27 13.26
CA GLU B 241 29.86 10.49 12.25
C GLU B 241 30.99 9.47 12.33
N TRP B 242 31.37 9.11 13.56
CA TRP B 242 32.42 8.13 13.82
C TRP B 242 32.05 6.71 13.39
N LYS B 243 30.77 6.36 13.55
CA LYS B 243 30.27 5.02 13.21
C LYS B 243 30.54 4.65 11.75
N ALA B 244 30.35 5.61 10.86
CA ALA B 244 30.52 5.40 9.42
C ALA B 244 31.83 4.69 9.06
N GLY B 245 32.94 5.22 9.56
CA GLY B 245 34.28 4.70 9.23
C GLY B 245 34.59 3.34 9.82
N VAL B 246 34.37 3.19 11.13
CA VAL B 246 34.69 1.94 11.83
C VAL B 246 33.82 0.76 11.37
N GLU B 247 32.55 1.04 11.12
CA GLU B 247 31.61 -0.01 10.75
C GLU B 247 31.75 -0.43 9.29
N ALA B 248 31.88 0.55 8.38
CA ALA B 248 31.99 0.26 6.95
C ALA B 248 33.24 -0.57 6.66
N ASN B 249 34.36 -0.21 7.29
CA ASN B 249 35.60 -0.95 7.13
C ASN B 249 35.55 -2.36 7.74
N LYS B 250 34.78 -2.53 8.81
CA LYS B 250 34.57 -3.87 9.37
C LYS B 250 33.74 -4.74 8.42
N ILE B 251 32.62 -4.20 7.92
CA ILE B 251 31.77 -4.90 6.96
C ILE B 251 32.57 -5.34 5.74
N LEU B 252 33.39 -4.41 5.23
CA LEU B 252 34.18 -4.64 4.02
C LEU B 252 35.47 -5.44 4.26
N GLY B 253 35.74 -5.74 5.53
CA GLY B 253 36.94 -6.49 5.91
C GLY B 253 38.23 -5.75 5.61
N LEU B 254 38.21 -4.44 5.79
CA LEU B 254 39.36 -3.60 5.47
C LEU B 254 40.03 -3.00 6.70
N GLN B 255 39.90 -3.68 7.84
CA GLN B 255 40.43 -3.17 9.11
C GLN B 255 41.96 -3.01 9.12
N ASP B 256 42.65 -3.77 8.27
CA ASP B 256 44.11 -3.67 8.15
C ASP B 256 44.56 -2.51 7.26
N SER B 257 43.65 -2.06 6.39
CA SER B 257 43.91 -0.94 5.50
C SER B 257 42.64 -0.10 5.31
N PRO B 258 42.20 0.60 6.38
CA PRO B 258 40.90 1.25 6.36
C PRO B 258 40.78 2.44 5.42
N VAL B 259 39.59 2.59 4.84
CA VAL B 259 39.25 3.75 4.04
C VAL B 259 38.77 4.86 4.97
N PRO B 260 39.42 6.04 4.91
CA PRO B 260 38.95 7.19 5.68
C PRO B 260 37.57 7.63 5.22
N ILE B 261 36.61 7.59 6.14
CA ILE B 261 35.24 8.02 5.88
C ILE B 261 34.82 8.99 6.98
N ASP B 262 34.46 10.21 6.59
CA ASP B 262 34.11 11.25 7.56
C ASP B 262 33.12 12.24 6.96
N GLY B 263 32.57 13.10 7.82
CA GLY B 263 31.63 14.14 7.36
C GLY B 263 30.76 14.63 8.50
N THR B 264 29.71 15.36 8.14
CA THR B 264 28.79 15.90 9.13
C THR B 264 27.42 15.26 8.97
N CYS B 265 26.91 14.73 10.07
CA CYS B 265 25.58 14.13 10.09
C CYS B 265 24.57 15.16 10.56
N VAL B 266 23.57 15.41 9.72
CA VAL B 266 22.60 16.48 9.98
C VAL B 266 21.20 15.90 9.99
N ARG B 267 20.43 16.26 11.02
CA ARG B 267 19.02 15.90 11.08
C ARG B 267 18.20 16.91 10.28
N ILE B 268 17.35 16.41 9.39
CA ILE B 268 16.41 17.25 8.64
C ILE B 268 14.98 16.75 8.83
N GLY B 269 14.01 17.56 8.39
CA GLY B 269 12.60 17.24 8.55
C GLY B 269 12.01 16.27 7.55
N ALA B 270 12.69 15.14 7.35
CA ALA B 270 12.16 14.02 6.57
C ALA B 270 11.58 12.97 7.53
N MET B 271 10.67 12.15 7.02
CA MET B 271 9.99 11.15 7.86
C MET B 271 10.87 9.95 8.22
N ARG B 272 11.27 9.15 7.22
CA ARG B 272 11.97 7.89 7.50
C ARG B 272 13.00 7.49 6.45
N CYS B 273 13.43 8.43 5.62
CA CYS B 273 14.51 8.20 4.66
C CYS B 273 15.73 9.05 4.95
N HIS B 274 16.89 8.41 4.98
CA HIS B 274 18.17 9.12 5.11
C HIS B 274 18.76 9.36 3.73
N SER B 275 19.20 10.59 3.49
CA SER B 275 19.85 10.94 2.25
C SER B 275 21.29 11.34 2.54
N GLN B 276 22.17 11.12 1.57
CA GLN B 276 23.60 11.38 1.76
C GLN B 276 24.20 12.00 0.50
N ALA B 277 24.95 13.08 0.71
CA ALA B 277 25.67 13.75 -0.36
C ALA B 277 27.15 13.45 -0.20
N LEU B 278 27.72 12.76 -1.18
CA LEU B 278 29.04 12.17 -1.03
C LEU B 278 30.09 12.74 -1.98
N THR B 279 31.24 13.10 -1.42
CA THR B 279 32.44 13.40 -2.20
C THR B 279 33.33 12.16 -2.12
N ILE B 280 33.45 11.47 -3.25
CA ILE B 280 34.17 10.20 -3.28
C ILE B 280 35.48 10.35 -4.09
N LYS B 281 36.60 10.24 -3.39
CA LYS B 281 37.91 10.24 -4.03
C LYS B 281 38.25 8.82 -4.46
N LEU B 282 38.40 8.65 -5.76
CA LEU B 282 38.74 7.36 -6.33
C LEU B 282 40.25 7.26 -6.57
N LYS B 283 40.77 6.05 -6.49
CA LYS B 283 42.21 5.80 -6.68
C LYS B 283 42.63 5.93 -8.13
N GLN B 284 41.69 5.69 -9.05
CA GLN B 284 41.95 5.76 -10.49
C GLN B 284 40.94 6.68 -11.17
N ASN B 285 41.26 7.07 -12.41
CA ASN B 285 40.30 7.72 -13.28
C ASN B 285 39.52 6.66 -14.06
N ILE B 286 38.32 6.35 -13.58
CA ILE B 286 37.43 5.40 -14.24
C ILE B 286 36.33 6.18 -14.97
N PRO B 287 36.07 5.83 -16.25
CA PRO B 287 35.00 6.48 -17.00
C PRO B 287 33.65 6.39 -16.28
N LEU B 288 32.84 7.44 -16.39
CA LEU B 288 31.59 7.55 -15.65
C LEU B 288 30.61 6.41 -15.93
N ASP B 289 30.51 5.99 -17.19
CA ASP B 289 29.61 4.91 -17.59
C ASP B 289 29.97 3.57 -16.93
N GLU B 290 31.27 3.35 -16.71
CA GLU B 290 31.77 2.16 -16.03
C GLU B 290 31.49 2.23 -14.52
N ILE B 291 31.55 3.44 -13.97
CA ILE B 291 31.18 3.69 -12.57
C ILE B 291 29.69 3.39 -12.37
N GLU B 292 28.87 3.88 -13.30
CA GLU B 292 27.42 3.67 -13.26
C GLU B 292 27.07 2.19 -13.34
N GLU B 293 27.78 1.47 -14.21
CA GLU B 293 27.57 0.02 -14.40
C GLU B 293 27.89 -0.77 -13.13
N MET B 294 29.07 -0.52 -12.55
CA MET B 294 29.52 -1.27 -11.39
C MET B 294 28.68 -0.99 -10.14
N ILE B 295 28.13 0.22 -10.05
CA ILE B 295 27.20 0.57 -8.97
C ILE B 295 25.87 -0.15 -9.17
N ALA B 296 25.29 -0.03 -10.37
CA ALA B 296 23.99 -0.62 -10.68
C ALA B 296 23.94 -2.14 -10.58
N THR B 297 25.04 -2.80 -10.98
CA THR B 297 25.08 -4.26 -11.04
C THR B 297 25.49 -4.94 -9.72
N HIS B 298 25.80 -4.14 -8.70
CA HIS B 298 26.24 -4.69 -7.41
C HIS B 298 25.14 -5.48 -6.70
N ASN B 299 23.92 -4.93 -6.69
CA ASN B 299 22.76 -5.58 -6.08
C ASN B 299 21.45 -5.16 -6.75
N ASP B 300 20.37 -5.86 -6.43
CA ASP B 300 19.07 -5.61 -7.07
C ASP B 300 18.26 -4.45 -6.48
N TRP B 301 18.75 -3.88 -5.39
CA TRP B 301 18.02 -2.80 -4.73
C TRP B 301 18.53 -1.41 -5.07
N VAL B 302 19.84 -1.30 -5.27
CA VAL B 302 20.44 -0.05 -5.74
C VAL B 302 19.91 0.30 -7.13
N LYS B 303 19.69 1.59 -7.37
CA LYS B 303 19.09 2.06 -8.61
C LYS B 303 19.82 3.31 -9.07
N VAL B 304 20.47 3.24 -10.23
CA VAL B 304 21.14 4.43 -10.77
C VAL B 304 20.11 5.33 -11.46
N ILE B 305 19.93 6.52 -10.88
CA ILE B 305 19.06 7.52 -11.48
C ILE B 305 19.90 8.38 -12.41
N PRO B 306 19.53 8.44 -13.70
CA PRO B 306 20.25 9.26 -14.68
C PRO B 306 20.35 10.71 -14.21
N ASN B 307 21.46 11.36 -14.55
CA ASN B 307 21.74 12.72 -14.10
C ASN B 307 21.00 13.76 -14.96
N GLU B 308 19.68 13.72 -14.88
CA GLU B 308 18.81 14.68 -15.58
C GLU B 308 17.88 15.28 -14.54
N ARG B 309 17.47 16.53 -14.77
CA ARG B 309 16.74 17.31 -13.78
C ARG B 309 15.42 16.67 -13.33
N ASP B 310 14.51 16.47 -14.28
CA ASP B 310 13.15 16.04 -13.96
C ASP B 310 13.09 14.65 -13.32
N ILE B 311 13.87 13.71 -13.85
CA ILE B 311 13.92 12.35 -13.30
C ILE B 311 14.53 12.31 -11.89
N THR B 312 15.51 13.17 -11.64
CA THR B 312 16.12 13.28 -10.31
C THR B 312 15.10 13.75 -9.29
N ALA B 313 14.33 14.79 -9.65
CA ALA B 313 13.33 15.36 -8.76
C ALA B 313 12.20 14.37 -8.46
N ARG B 314 11.93 13.48 -9.41
CA ARG B 314 10.89 12.46 -9.26
C ARG B 314 11.34 11.24 -8.46
N GLU B 315 12.61 10.88 -8.62
CA GLU B 315 13.09 9.56 -8.17
C GLU B 315 14.05 9.59 -6.98
N LEU B 316 14.85 10.65 -6.87
CA LEU B 316 15.92 10.69 -5.86
C LEU B 316 15.52 11.50 -4.63
N THR B 317 14.42 11.10 -4.01
CA THR B 317 13.86 11.85 -2.87
C THR B 317 13.27 10.89 -1.82
N PRO B 318 13.21 11.34 -0.55
CA PRO B 318 12.47 10.63 0.48
C PRO B 318 11.02 10.34 0.08
N ALA B 319 10.36 11.30 -0.58
CA ALA B 319 8.97 11.13 -1.00
C ALA B 319 8.78 9.89 -1.88
N LYS B 320 9.72 9.67 -2.79
CA LYS B 320 9.69 8.50 -3.67
C LYS B 320 10.04 7.22 -2.93
N VAL B 321 11.09 7.28 -2.12
CA VAL B 321 11.73 6.09 -1.53
C VAL B 321 11.01 5.52 -0.29
N THR B 322 10.33 6.39 0.47
CA THR B 322 9.74 5.99 1.74
CA THR B 322 9.68 6.02 1.73
C THR B 322 8.94 4.68 1.65
N GLY B 323 9.20 3.80 2.62
CA GLY B 323 8.50 2.52 2.72
C GLY B 323 8.87 1.47 1.69
N THR B 324 9.90 1.74 0.88
CA THR B 324 10.37 0.78 -0.12
C THR B 324 11.81 0.34 0.15
N LEU B 325 12.20 -0.76 -0.48
CA LEU B 325 13.55 -1.30 -0.35
C LEU B 325 14.50 -0.78 -1.42
N SER B 326 14.04 0.20 -2.21
CA SER B 326 14.85 0.78 -3.28
C SER B 326 15.91 1.73 -2.72
N VAL B 327 17.12 1.66 -3.28
CA VAL B 327 18.21 2.53 -2.86
C VAL B 327 18.72 3.30 -4.08
N PRO B 328 18.00 4.38 -4.48
CA PRO B 328 18.47 5.11 -5.64
C PRO B 328 19.73 5.94 -5.35
N VAL B 329 20.61 6.00 -6.34
CA VAL B 329 21.78 6.87 -6.30
C VAL B 329 21.84 7.64 -7.62
N GLY B 330 22.13 8.94 -7.53
CA GLY B 330 22.13 9.79 -8.70
C GLY B 330 23.12 10.93 -8.55
N ARG B 331 22.97 11.94 -9.41
CA ARG B 331 23.91 13.05 -9.51
C ARG B 331 25.35 12.56 -9.68
N LEU B 332 25.49 11.36 -10.24
CA LEU B 332 26.79 10.77 -10.50
C LEU B 332 27.52 11.52 -11.61
N ARG B 333 28.66 12.09 -11.25
CA ARG B 333 29.43 12.95 -12.15
C ARG B 333 30.82 13.22 -11.58
N LYS B 334 31.77 13.55 -12.45
CA LYS B 334 33.10 13.94 -12.00
C LYS B 334 33.05 15.38 -11.50
N MET B 335 33.84 15.66 -10.46
CA MET B 335 33.81 16.96 -9.80
C MET B 335 34.93 17.88 -10.27
N ALA B 336 34.83 19.17 -9.93
CA ALA B 336 35.80 20.19 -10.35
C ALA B 336 37.22 19.91 -9.85
N MET B 337 37.33 19.16 -8.76
CA MET B 337 38.62 18.84 -8.15
C MET B 337 39.46 17.86 -8.98
N GLY B 338 38.82 17.18 -9.93
CA GLY B 338 39.53 16.25 -10.81
C GLY B 338 38.68 15.07 -11.22
N ASP B 339 39.17 14.31 -12.19
CA ASP B 339 38.44 13.15 -12.73
C ASP B 339 38.50 11.92 -11.83
N ASP B 340 39.26 12.02 -10.74
CA ASP B 340 39.25 11.00 -9.70
C ASP B 340 38.36 11.39 -8.51
N PHE B 341 37.62 12.48 -8.67
CA PHE B 341 36.64 12.93 -7.69
C PHE B 341 35.23 12.65 -8.21
N LEU B 342 34.47 11.88 -7.47
CA LEU B 342 33.12 11.50 -7.87
C LEU B 342 32.07 12.05 -6.91
N ASN B 343 31.09 12.76 -7.48
CA ASN B 343 29.92 13.20 -6.72
C ASN B 343 28.83 12.15 -6.77
N ALA B 344 28.18 11.91 -5.63
CA ALA B 344 27.06 10.99 -5.56
C ALA B 344 26.04 11.48 -4.53
N PHE B 345 24.76 11.34 -4.87
CA PHE B 345 23.70 11.60 -3.92
C PHE B 345 22.79 10.39 -3.86
N THR B 346 22.53 9.91 -2.65
CA THR B 346 21.73 8.69 -2.47
C THR B 346 20.64 8.84 -1.40
N VAL B 347 19.54 8.13 -1.59
CA VAL B 347 18.41 8.12 -0.65
C VAL B 347 18.03 6.69 -0.35
N GLY B 348 17.76 6.39 0.92
CA GLY B 348 17.33 5.05 1.32
C GLY B 348 16.40 5.09 2.52
N ASP B 349 15.54 4.08 2.64
CA ASP B 349 14.63 4.03 3.77
C ASP B 349 15.36 3.53 5.01
N GLN B 350 15.30 4.32 6.08
CA GLN B 350 16.05 4.09 7.32
C GLN B 350 15.59 2.83 8.06
N LEU B 351 14.30 2.52 7.97
CA LEU B 351 13.72 1.42 8.75
C LEU B 351 13.86 0.05 8.08
N LEU B 352 14.04 0.05 6.77
CA LEU B 352 14.16 -1.21 6.02
C LEU B 352 15.64 -1.64 5.92
N TRP B 353 16.35 -1.22 4.88
CA TRP B 353 17.77 -1.57 4.77
C TRP B 353 18.60 -1.00 5.91
N GLY B 354 18.15 0.12 6.48
CA GLY B 354 18.86 0.75 7.58
C GLY B 354 18.59 0.14 8.95
N ALA B 355 17.62 -0.78 9.04
CA ALA B 355 17.26 -1.38 10.33
C ALA B 355 16.78 -2.84 10.26
N ALA B 356 15.55 -3.04 9.80
CA ALA B 356 14.88 -4.34 9.90
C ALA B 356 15.34 -5.39 8.89
N GLU B 357 15.58 -4.96 7.64
CA GLU B 357 15.86 -5.91 6.56
C GLU B 357 17.11 -6.78 6.75
N PRO B 358 18.25 -6.19 7.18
CA PRO B 358 19.41 -7.06 7.38
C PRO B 358 19.19 -8.13 8.45
N LEU B 359 18.31 -7.84 9.41
CA LEU B 359 18.01 -8.77 10.49
C LEU B 359 17.27 -10.02 9.99
N ARG B 360 16.19 -9.82 9.26
CA ARG B 360 15.43 -10.97 8.72
C ARG B 360 16.23 -11.73 7.67
N ARG B 361 17.00 -11.02 6.86
CA ARG B 361 17.82 -11.65 5.83
C ARG B 361 18.91 -12.52 6.45
N THR B 362 19.48 -12.07 7.57
CA THR B 362 20.47 -12.86 8.30
C THR B 362 19.84 -14.16 8.82
N LEU B 363 18.64 -14.05 9.40
CA LEU B 363 17.91 -15.23 9.85
C LEU B 363 17.73 -16.23 8.71
N ARG B 364 17.33 -15.73 7.55
CA ARG B 364 17.08 -16.56 6.37
C ARG B 364 18.35 -17.27 5.89
N ILE B 365 19.48 -16.55 5.91
CA ILE B 365 20.78 -17.13 5.55
C ILE B 365 21.18 -18.21 6.56
N ILE B 366 21.05 -17.92 7.85
CA ILE B 366 21.35 -18.89 8.90
C ILE B 366 20.49 -20.15 8.72
N LEU B 367 19.18 -19.96 8.52
CA LEU B 367 18.25 -21.07 8.30
C LEU B 367 18.68 -21.98 7.15
N ALA B 368 19.20 -21.38 6.08
CA ALA B 368 19.58 -22.11 4.88
C ALA B 368 21.02 -22.62 4.92
N GLU B 369 21.84 -22.07 5.81
CA GLU B 369 23.28 -22.35 5.82
C GLU B 369 23.85 -22.94 7.11
N LYS B 370 23.05 -22.99 8.17
CA LYS B 370 23.49 -23.58 9.45
C LYS B 370 23.78 -25.08 9.31
N CYS C . -21.45 -3.96 -15.97
CA CYS C . -20.56 -3.00 -15.34
C CYS C . -19.82 -2.18 -16.36
O CYS C . -19.70 -2.61 -17.54
CB CYS C . -19.59 -3.76 -14.44
SG CYS C . -18.90 -2.66 -13.26
OXT CYS C . -19.33 -1.09 -15.99
PA NAP D . -11.19 -12.09 -15.34
O1A NAP D . -10.19 -11.02 -15.12
O2A NAP D . -11.32 -12.40 -16.79
O5B NAP D . -10.76 -13.41 -14.53
C5B NAP D . -11.57 -14.55 -14.52
C4B NAP D . -10.71 -15.79 -14.69
O4B NAP D . -10.07 -15.80 -15.95
C3B NAP D . -9.56 -15.88 -13.68
O3B NAP D . -10.00 -16.39 -12.45
C2B NAP D . -8.59 -16.79 -14.39
O2B NAP D . -8.94 -18.13 -14.10
C1B NAP D . -8.84 -16.52 -15.87
N9A NAP D . -7.77 -15.75 -16.54
C8A NAP D . -7.51 -15.81 -17.88
N7A NAP D . -6.46 -15.01 -18.18
C5A NAP D . -6.03 -14.42 -17.04
C6A NAP D . -5.01 -13.52 -16.77
N6A NAP D . -4.22 -13.07 -17.75
N1A NAP D . -4.78 -13.09 -15.48
C2A NAP D . -5.59 -13.56 -14.45
N3A NAP D . -6.61 -14.44 -14.72
C4A NAP D . -6.84 -14.88 -15.99
O3 NAP D . -12.61 -11.68 -14.70
PN NAP D . -13.03 -10.37 -13.85
O1N NAP D . -12.17 -10.33 -12.64
O2N NAP D . -13.05 -9.21 -14.77
O5D NAP D . -14.53 -10.67 -13.34
C5D NAP D . -15.42 -11.52 -14.03
C4D NAP D . -16.37 -10.67 -14.87
O4D NAP D . -15.69 -10.22 -16.04
C3D NAP D . -17.57 -11.48 -15.32
O3D NAP D . -18.74 -10.99 -14.69
C2D NAP D . -17.62 -11.34 -16.84
O2D NAP D . -18.76 -10.62 -17.24
C1D NAP D . -16.36 -10.59 -17.23
N1N NAP D . -15.47 -11.41 -18.09
C2N NAP D . -15.33 -11.06 -19.41
C3N NAP D . -14.50 -11.82 -20.26
C7N NAP D . -14.00 -11.18 -21.53
O7N NAP D . -13.69 -9.81 -21.54
N7N NAP D . -13.87 -11.94 -22.62
C4N NAP D . -13.82 -12.92 -19.74
C5N NAP D . -13.97 -13.27 -18.41
C6N NAP D . -14.80 -12.50 -17.59
P2B NAP D . -7.83 -19.28 -13.96
O1X NAP D . -8.55 -20.59 -13.73
O2X NAP D . -6.92 -18.98 -12.79
O3X NAP D . -7.02 -19.36 -15.23
NA NA E . -8.59 -0.31 -34.68
N CYS F . 21.49 6.97 14.82
CA CYS F . 20.76 7.00 13.56
C CYS F . 19.98 8.28 13.47
O CYS F . 19.72 8.90 14.52
CB CYS F . 19.84 5.79 13.50
SG CYS F . 19.13 5.61 11.90
OXT CYS F . 19.61 8.68 12.34
PA NAP G . 11.10 1.75 20.35
O1A NAP G . 10.07 2.15 19.37
O2A NAP G . 11.13 2.67 21.50
O5B NAP G . 10.83 0.24 20.81
C5B NAP G . 11.68 -0.39 21.74
C4B NAP G . 10.86 -1.01 22.87
O4B NAP G . 10.21 -0.04 23.66
C3B NAP G . 9.74 -1.91 22.37
O3B NAP G . 10.23 -3.19 22.07
C2B NAP G . 8.82 -1.96 23.57
O2B NAP G . 9.24 -3.00 24.42
C1B NAP G . 9.08 -0.64 24.29
N9A NAP G . 7.91 0.27 24.23
C8A NAP G . 7.58 1.15 25.22
N7A NAP G . 6.46 1.83 24.86
C5A NAP G . 6.06 1.39 23.64
C6A NAP G . 5.00 1.74 22.81
N6A NAP G . 4.13 2.68 23.20
N1A NAP G . 4.83 1.11 21.59
C2A NAP G . 5.73 0.14 21.19
N3A NAP G . 6.78 -0.20 22.01
C4A NAP G . 6.97 0.41 23.22
O3 NAP G . 12.55 1.69 19.63
PN NAP G . 12.98 1.65 18.08
O1N NAP G . 12.19 0.58 17.41
O2N NAP G . 12.96 3.02 17.53
O5D NAP G . 14.52 1.18 18.15
C5D NAP G . 14.88 0.06 18.93
C4D NAP G . 16.39 -0.16 18.92
O4D NAP G . 16.89 -0.27 17.60
C3D NAP G . 17.15 0.99 19.55
O3D NAP G . 17.27 0.87 20.94
C2D NAP G . 18.48 0.92 18.84
O2D NAP G . 19.35 0.02 19.48
C1D NAP G . 18.11 0.41 17.45
N1N NAP G . 17.92 1.59 16.58
C2N NAP G . 18.40 2.82 16.98
C3N NAP G . 18.23 3.95 16.21
C7N NAP G . 18.19 5.25 16.96
O7N NAP G . 17.07 5.57 17.76
N7N NAP G . 19.24 6.08 16.87
C4N NAP G . 17.57 3.83 14.99
C5N NAP G . 17.09 2.60 14.56
C6N NAP G . 17.27 1.47 15.37
P2B NAP G . 8.20 -3.95 25.18
O1X NAP G . 8.99 -5.03 25.87
O2X NAP G . 7.42 -3.14 26.19
O3X NAP G . 7.23 -4.57 24.19
NA NA H . 7.63 23.73 24.09
#